data_2DG5
#
_entry.id   2DG5
#
_cell.length_a   78.140
_cell.length_b   126.600
_cell.length_c   129.200
_cell.angle_alpha   90.00
_cell.angle_beta   90.00
_cell.angle_gamma   90.00
#
_symmetry.space_group_name_H-M   'P 21 21 21'
#
loop_
_entity.id
_entity.type
_entity.pdbx_description
1 polymer Gamma-glutamyltranspeptidase
2 polymer Gamma-glutamyltranspeptidase
3 non-polymer GLYCEROL
4 non-polymer 'CALCIUM ION'
5 non-polymer 'GLUTAMIC ACID'
6 water water
#
loop_
_entity_poly.entity_id
_entity_poly.type
_entity_poly.pdbx_seq_one_letter_code
_entity_poly.pdbx_strand_id
1 'polypeptide(L)'
;AAPPAPPVSYGVEEDVFHPVRAKQG(MSE)VASVDATATQVGVDILKEGGNAVDAAVAVGYALAVTHPQAGNLGGGGF
(MSE)LIRSKNGNTTAIDFRE(MSE)APAKATRD(MSE)FLDDQGNPDSKKSLTSHLASGTPGTVAGFSLALDKYGT
(MSE)PLNKVVQPAFKLARDGFIVNDALADDLKTYGSEVLPNHENSKAIFWKEGEPLKKGDTLVQANLAKSLE(MSE)IA
ENGPDEFYKGTIAEQIAQE(MSE)QKNGGLITKEDLAAYKAVERTPISGDYRGYQVYS(MSE)PPPSSGGIHIVQILNIL
ENFD(MSE)KKYGFGSADA(MSE)QI(MSE)AEAEKYAYADRSEYLGDPDFVKVPWQALTNKAYAKSIADQIDINKAKPS
SEIRPGKLAPYESNQ
;
A,C
2 'polypeptide(L)'
;TTHYSVVDKDGNAVAVTYTLNTTFGTGIVAGESGILLNNQ(MSE)DDFSAKPGVPNVYGLVGGDANAVGPNKRPLSS
(MSE)SPTIVVKDGKTWLVTGSPGGSRIITTVLQ(MSE)VVNSIDYGLNVAEATNAPRFHHQWLPDELRVEKGFSPDTLK
LLEAKGQKVALKEA(MSE)GSTQSI(MSE)VGPDGELYGASDPRSVDDLTAGY
;
B,D
#
# COMPACT_ATOMS: atom_id res chain seq x y z
N GLU A 13 12.17 3.39 -10.44
CA GLU A 13 10.98 3.59 -11.32
C GLU A 13 10.31 2.27 -11.67
N GLU A 14 11.09 1.19 -11.67
CA GLU A 14 10.56 -0.13 -11.98
C GLU A 14 9.80 -0.71 -10.78
N ASP A 15 9.86 -0.03 -9.65
CA ASP A 15 9.19 -0.48 -8.43
C ASP A 15 7.74 -0.03 -8.33
N VAL A 16 6.88 -0.96 -7.93
CA VAL A 16 5.46 -0.68 -7.74
C VAL A 16 5.29 -0.27 -6.28
N PHE A 17 6.09 -0.88 -5.41
CA PHE A 17 6.04 -0.61 -3.98
C PHE A 17 7.32 0.05 -3.52
N HIS A 18 7.18 1.18 -2.83
CA HIS A 18 8.31 1.97 -2.37
C HIS A 18 8.43 2.04 -0.86
N PRO A 19 9.62 1.78 -0.32
CA PRO A 19 9.78 1.85 1.13
C PRO A 19 9.88 3.29 1.61
N VAL A 20 9.61 3.50 2.90
CA VAL A 20 9.73 4.81 3.51
C VAL A 20 11.24 4.96 3.69
N ARG A 21 11.76 6.17 3.54
CA ARG A 21 13.20 6.37 3.69
C ARG A 21 13.55 7.39 4.76
N ALA A 22 14.68 7.17 5.42
CA ALA A 22 15.17 8.05 6.47
C ALA A 22 16.68 7.89 6.52
N LYS A 23 17.38 8.94 6.93
CA LYS A 23 18.84 8.87 6.99
C LYS A 23 19.43 8.56 8.37
N GLN A 24 18.69 8.86 9.43
CA GLN A 24 19.21 8.63 10.77
C GLN A 24 18.55 7.49 11.56
N GLY A 25 17.29 7.67 11.93
CA GLY A 25 16.59 6.65 12.69
C GLY A 25 15.24 6.33 12.09
N VAL A 27 11.35 3.92 12.91
CA VAL A 27 10.51 3.07 13.74
C VAL A 27 9.37 2.58 12.85
N ALA A 28 9.05 1.29 12.97
CA ALA A 28 7.96 0.70 12.21
C ALA A 28 7.05 0.00 13.22
N SER A 29 5.78 0.38 13.26
CA SER A 29 4.85 -0.25 14.19
C SER A 29 3.44 -0.27 13.63
N VAL A 30 2.57 -1.02 14.28
CA VAL A 30 1.18 -1.16 13.85
C VAL A 30 0.33 0.07 14.14
N ASP A 31 0.88 1.05 14.86
CA ASP A 31 0.10 2.23 15.22
C ASP A 31 0.85 3.54 14.98
N ALA A 32 0.23 4.45 14.23
CA ALA A 32 0.85 5.73 13.92
C ALA A 32 1.31 6.50 15.16
N THR A 33 0.45 6.62 16.16
CA THR A 33 0.80 7.34 17.37
C THR A 33 2.02 6.74 18.07
N ALA A 34 2.03 5.41 18.22
CA ALA A 34 3.14 4.73 18.87
C ALA A 34 4.44 4.91 18.09
N THR A 35 4.34 4.85 16.77
CA THR A 35 5.51 5.03 15.92
C THR A 35 6.11 6.41 16.13
N GLN A 36 5.24 7.41 16.17
CA GLN A 36 5.68 8.79 16.36
C GLN A 36 6.32 8.97 17.74
N VAL A 37 5.82 8.24 18.74
CA VAL A 37 6.39 8.30 20.08
C VAL A 37 7.82 7.79 20.01
N GLY A 38 8.02 6.68 19.30
CA GLY A 38 9.35 6.11 19.17
C GLY A 38 10.29 7.04 18.45
N VAL A 39 9.82 7.63 17.36
CA VAL A 39 10.66 8.55 16.59
C VAL A 39 11.04 9.76 17.45
N ASP A 40 10.10 10.26 18.25
CA ASP A 40 10.41 11.41 19.10
C ASP A 40 11.49 11.05 20.11
N ILE A 41 11.43 9.84 20.66
CA ILE A 41 12.42 9.40 21.64
C ILE A 41 13.80 9.38 20.98
N LEU A 42 13.87 8.91 19.74
CA LEU A 42 15.13 8.87 19.01
C LEU A 42 15.64 10.29 18.80
N LYS A 43 14.74 11.18 18.36
CA LYS A 43 15.12 12.57 18.12
C LYS A 43 15.61 13.23 19.41
N GLU A 44 15.10 12.76 20.55
CA GLU A 44 15.48 13.29 21.85
C GLU A 44 16.84 12.78 22.31
N GLY A 45 17.38 11.81 21.58
CA GLY A 45 18.68 11.26 21.95
C GLY A 45 18.68 9.83 22.49
N GLY A 46 17.50 9.23 22.62
CA GLY A 46 17.44 7.87 23.13
C GLY A 46 17.93 6.88 22.09
N ASN A 47 18.42 5.72 22.52
CA ASN A 47 18.89 4.74 21.56
C ASN A 47 17.73 3.84 21.13
N ALA A 48 18.03 2.81 20.33
CA ALA A 48 16.99 1.91 19.85
C ALA A 48 16.20 1.25 20.97
N VAL A 49 16.90 0.83 22.02
CA VAL A 49 16.23 0.19 23.14
C VAL A 49 15.32 1.18 23.86
N ASP A 50 15.79 2.41 24.07
CA ASP A 50 14.97 3.43 24.74
C ASP A 50 13.68 3.61 23.95
N ALA A 51 13.81 3.79 22.64
CA ALA A 51 12.66 3.99 21.78
C ALA A 51 11.75 2.77 21.75
N ALA A 52 12.36 1.58 21.71
CA ALA A 52 11.57 0.35 21.68
C ALA A 52 10.72 0.21 22.92
N VAL A 53 11.27 0.58 24.07
CA VAL A 53 10.50 0.49 25.32
C VAL A 53 9.40 1.55 25.33
N ALA A 54 9.70 2.74 24.82
CA ALA A 54 8.71 3.81 24.77
C ALA A 54 7.56 3.40 23.86
N VAL A 55 7.89 2.77 22.73
CA VAL A 55 6.86 2.31 21.79
C VAL A 55 6.02 1.22 22.46
N GLY A 56 6.67 0.33 23.19
CA GLY A 56 5.98 -0.76 23.88
C GLY A 56 4.98 -0.24 24.90
N TYR A 57 5.37 0.80 25.62
CA TYR A 57 4.44 1.36 26.60
C TYR A 57 3.32 2.12 25.90
N ALA A 58 3.65 2.82 24.82
CA ALA A 58 2.65 3.57 24.08
C ALA A 58 1.60 2.63 23.48
N LEU A 59 2.05 1.52 22.90
CA LEU A 59 1.12 0.56 22.31
C LEU A 59 0.21 -0.07 23.36
N ALA A 60 0.69 -0.15 24.60
CA ALA A 60 -0.12 -0.71 25.69
C ALA A 60 -1.32 0.18 25.96
N VAL A 61 -1.28 1.39 25.42
CA VAL A 61 -2.37 2.36 25.57
C VAL A 61 -3.17 2.55 24.28
N THR A 62 -2.47 2.74 23.17
CA THR A 62 -3.12 2.99 21.89
C THR A 62 -3.50 1.76 21.08
N HIS A 63 -2.97 0.59 21.46
CA HIS A 63 -3.29 -0.64 20.75
C HIS A 63 -3.62 -1.73 21.77
N PRO A 64 -4.69 -1.52 22.56
CA PRO A 64 -5.12 -2.49 23.58
C PRO A 64 -5.36 -3.90 23.04
N GLN A 65 -5.51 -4.00 21.72
CA GLN A 65 -5.73 -5.28 21.06
C GLN A 65 -4.57 -6.24 21.33
N ALA A 66 -3.36 -5.69 21.32
CA ALA A 66 -2.16 -6.50 21.50
C ALA A 66 -1.06 -5.80 22.29
N GLY A 67 -0.95 -4.47 22.15
CA GLY A 67 0.03 -3.73 22.93
C GLY A 67 -0.41 -4.02 24.34
N ASN A 68 0.51 -4.13 25.30
CA ASN A 68 0.06 -4.52 26.63
C ASN A 68 1.03 -4.36 27.79
N LEU A 69 0.46 -4.49 28.99
CA LEU A 69 1.22 -4.51 30.23
C LEU A 69 0.81 -5.85 30.87
N GLY A 70 -0.32 -6.39 30.41
CA GLY A 70 -0.82 -7.64 30.96
C GLY A 70 -0.55 -8.90 30.16
N GLY A 71 0.42 -8.83 29.26
CA GLY A 71 0.78 -9.97 28.45
C GLY A 71 2.25 -10.28 28.53
N GLY A 72 2.85 -10.66 27.41
CA GLY A 72 4.27 -10.98 27.39
C GLY A 72 4.81 -10.94 25.98
N GLY A 73 6.10 -11.23 25.84
CA GLY A 73 6.68 -11.19 24.51
C GLY A 73 8.17 -11.45 24.48
N PHE A 74 8.77 -11.07 23.37
CA PHE A 74 10.20 -11.28 23.12
C PHE A 74 10.82 -10.06 22.48
N LEU A 76 14.51 -8.81 20.44
CA LEU A 76 15.79 -9.16 19.84
C LEU A 76 16.56 -7.84 19.79
N ILE A 77 17.76 -7.83 20.35
CA ILE A 77 18.59 -6.64 20.38
C ILE A 77 19.91 -6.91 19.67
N ARG A 78 20.29 -6.03 18.76
CA ARG A 78 21.59 -6.17 18.10
C ARG A 78 22.26 -4.81 18.12
N SER A 79 23.35 -4.73 18.88
CA SER A 79 24.11 -3.49 19.00
C SER A 79 24.85 -3.18 17.72
N LYS A 80 25.22 -1.92 17.57
CA LYS A 80 25.96 -1.46 16.40
C LYS A 80 27.27 -2.23 16.27
N ASN A 81 27.76 -2.77 17.39
CA ASN A 81 29.02 -3.52 17.39
C ASN A 81 28.83 -5.01 17.10
N GLY A 82 27.60 -5.41 16.79
CA GLY A 82 27.34 -6.79 16.46
C GLY A 82 26.79 -7.69 17.55
N ASN A 83 26.90 -7.28 18.81
CA ASN A 83 26.38 -8.10 19.89
C ASN A 83 24.88 -8.29 19.75
N THR A 84 24.47 -9.54 19.60
CA THR A 84 23.05 -9.87 19.42
C THR A 84 22.55 -10.71 20.58
N THR A 85 21.43 -10.30 21.18
CA THR A 85 20.89 -11.03 22.31
C THR A 85 19.36 -11.08 22.29
N ALA A 86 18.80 -11.99 23.07
CA ALA A 86 17.35 -12.14 23.14
C ALA A 86 16.83 -11.96 24.55
N ILE A 87 15.71 -11.25 24.67
CA ILE A 87 15.10 -11.03 25.97
C ILE A 87 13.78 -11.80 25.97
N ASP A 88 13.68 -12.76 26.88
CA ASP A 88 12.48 -13.57 27.02
C ASP A 88 11.61 -13.03 28.15
N PHE A 89 10.48 -12.42 27.79
CA PHE A 89 9.57 -11.93 28.82
C PHE A 89 8.20 -12.52 28.57
N ARG A 90 8.22 -13.82 28.32
CA ARG A 90 7.05 -14.66 28.08
C ARG A 90 6.41 -14.94 29.44
N GLU A 91 5.08 -14.99 29.48
CA GLU A 91 4.39 -15.25 30.74
C GLU A 91 4.77 -16.60 31.30
N ALA A 93 3.33 -19.76 33.71
CA ALA A 93 2.08 -20.31 34.20
C ALA A 93 2.11 -20.15 35.72
N PRO A 94 0.95 -19.91 36.35
CA PRO A 94 0.89 -19.75 37.81
C PRO A 94 1.48 -20.98 38.50
N ALA A 95 1.96 -20.82 39.73
CA ALA A 95 2.53 -21.93 40.48
C ALA A 95 1.49 -23.02 40.74
N LYS A 96 0.21 -22.63 40.72
CA LYS A 96 -0.89 -23.57 40.96
C LYS A 96 -1.41 -24.21 39.68
N ALA A 97 -0.79 -23.89 38.55
CA ALA A 97 -1.21 -24.46 37.27
C ALA A 97 -0.93 -25.96 37.26
N THR A 98 -1.79 -26.72 36.60
CA THR A 98 -1.61 -28.17 36.52
C THR A 98 -1.81 -28.64 35.08
N ARG A 99 -1.17 -29.77 34.76
CA ARG A 99 -1.23 -30.35 33.43
C ARG A 99 -2.62 -30.45 32.79
N ASP A 100 -3.58 -30.97 33.54
CA ASP A 100 -4.94 -31.15 33.01
C ASP A 100 -5.94 -30.07 33.43
N PHE A 102 -7.16 -27.58 31.93
CA PHE A 102 -8.12 -27.13 30.92
C PHE A 102 -9.03 -28.21 30.39
N LEU A 103 -8.99 -29.39 31.01
CA LEU A 103 -9.84 -30.50 30.57
C LEU A 103 -11.17 -30.49 31.32
N ASP A 104 -12.25 -30.82 30.62
CA ASP A 104 -13.54 -30.87 31.28
C ASP A 104 -13.61 -32.21 32.02
N ASP A 105 -14.74 -32.49 32.66
CA ASP A 105 -14.87 -33.72 33.43
C ASP A 105 -14.71 -35.00 32.61
N GLN A 106 -14.83 -34.90 31.30
CA GLN A 106 -14.68 -36.07 30.42
C GLN A 106 -13.26 -36.22 29.90
N GLY A 107 -12.41 -35.23 30.19
CA GLY A 107 -11.02 -35.29 29.74
C GLY A 107 -10.74 -34.58 28.43
N ASN A 108 -11.73 -33.83 27.93
CA ASN A 108 -11.56 -33.11 26.68
C ASN A 108 -11.28 -31.63 26.94
N PRO A 109 -10.30 -31.06 26.22
CA PRO A 109 -9.97 -29.64 26.42
C PRO A 109 -11.18 -28.74 26.23
N ASP A 110 -11.27 -27.72 27.09
CA ASP A 110 -12.35 -26.75 27.04
C ASP A 110 -11.68 -25.42 26.66
N SER A 111 -11.83 -25.02 25.40
CA SER A 111 -11.23 -23.79 24.91
C SER A 111 -11.71 -22.55 25.66
N LYS A 112 -12.90 -22.63 26.24
CA LYS A 112 -13.42 -21.49 27.00
C LYS A 112 -12.49 -21.24 28.18
N LYS A 113 -12.07 -22.32 28.85
CA LYS A 113 -11.20 -22.20 30.00
C LYS A 113 -9.83 -21.62 29.66
N SER A 114 -9.30 -21.93 28.49
CA SER A 114 -7.99 -21.45 28.11
C SER A 114 -8.00 -20.15 27.30
N LEU A 115 -9.18 -19.64 26.97
CA LEU A 115 -9.25 -18.42 26.19
C LEU A 115 -10.08 -17.28 26.78
N THR A 116 -11.14 -17.60 27.51
CA THR A 116 -11.99 -16.54 28.07
C THR A 116 -12.15 -16.49 29.58
N SER A 117 -11.71 -17.54 30.29
CA SER A 117 -11.84 -17.54 31.74
C SER A 117 -10.59 -16.93 32.38
N HIS A 118 -10.65 -16.68 33.68
CA HIS A 118 -9.52 -16.13 34.40
C HIS A 118 -8.37 -17.13 34.45
N LEU A 119 -8.66 -18.40 34.15
CA LEU A 119 -7.64 -19.44 34.17
C LEU A 119 -6.78 -19.38 32.92
N ALA A 120 -7.18 -18.56 31.96
CA ALA A 120 -6.46 -18.44 30.70
C ALA A 120 -5.23 -17.56 30.77
N SER A 121 -5.06 -16.85 31.87
CA SER A 121 -3.94 -15.92 32.01
C SER A 121 -2.67 -16.46 32.65
N GLY A 122 -1.53 -16.07 32.05
CA GLY A 122 -0.25 -16.44 32.59
C GLY A 122 0.26 -15.18 33.28
N THR A 123 1.25 -15.32 34.16
CA THR A 123 1.80 -14.18 34.87
C THR A 123 2.49 -13.27 33.84
N PRO A 124 2.01 -12.02 33.69
CA PRO A 124 2.56 -11.04 32.74
C PRO A 124 4.05 -10.75 32.87
N GLY A 125 4.73 -10.67 31.72
CA GLY A 125 6.15 -10.40 31.74
C GLY A 125 6.62 -9.14 31.04
N THR A 126 5.72 -8.46 30.33
CA THR A 126 6.10 -7.26 29.59
C THR A 126 6.84 -6.19 30.40
N VAL A 127 6.30 -5.80 31.55
CA VAL A 127 6.95 -4.78 32.35
C VAL A 127 8.34 -5.23 32.78
N ALA A 128 8.48 -6.49 33.18
CA ALA A 128 9.77 -7.02 33.61
C ALA A 128 10.75 -7.04 32.44
N GLY A 129 10.25 -7.45 31.27
CA GLY A 129 11.09 -7.51 30.09
C GLY A 129 11.62 -6.15 29.65
N PHE A 130 10.74 -5.16 29.63
CA PHE A 130 11.14 -3.82 29.22
C PHE A 130 12.16 -3.23 30.17
N SER A 131 11.99 -3.44 31.48
CA SER A 131 12.94 -2.89 32.44
C SER A 131 14.28 -3.60 32.38
N LEU A 132 14.27 -4.92 32.15
CA LEU A 132 15.52 -5.65 32.05
C LEU A 132 16.32 -5.07 30.89
N ALA A 133 15.64 -4.90 29.75
CA ALA A 133 16.28 -4.36 28.56
C ALA A 133 16.69 -2.90 28.74
N LEU A 134 15.79 -2.08 29.28
CA LEU A 134 16.08 -0.67 29.47
C LEU A 134 17.26 -0.45 30.40
N ASP A 135 17.27 -1.17 31.52
CA ASP A 135 18.33 -1.03 32.52
C ASP A 135 19.72 -1.43 32.01
N LYS A 136 19.78 -2.51 31.24
CA LYS A 136 21.06 -3.00 30.74
C LYS A 136 21.51 -2.45 29.40
N TYR A 137 20.57 -2.26 28.47
CA TYR A 137 20.91 -1.79 27.14
C TYR A 137 20.39 -0.41 26.75
N GLY A 138 19.57 0.20 27.60
CA GLY A 138 19.04 1.52 27.30
C GLY A 138 19.89 2.61 27.92
N THR A 139 19.43 3.86 27.83
CA THR A 139 20.18 4.98 28.40
C THR A 139 19.28 5.91 29.21
N PRO A 141 15.92 6.83 31.81
CA PRO A 141 15.24 6.28 32.99
C PRO A 141 13.84 5.85 32.58
N LEU A 142 13.29 4.88 33.30
CA LEU A 142 11.96 4.38 32.99
C LEU A 142 10.88 5.46 32.92
N ASN A 143 10.91 6.40 33.85
CA ASN A 143 9.88 7.45 33.86
C ASN A 143 9.83 8.23 32.54
N LYS A 144 10.99 8.46 31.92
CA LYS A 144 11.02 9.21 30.67
C LYS A 144 10.43 8.44 29.48
N VAL A 145 10.65 7.13 29.44
CA VAL A 145 10.11 6.37 28.32
C VAL A 145 8.65 5.97 28.52
N VAL A 146 8.17 6.09 29.76
CA VAL A 146 6.78 5.77 30.07
C VAL A 146 5.89 7.00 29.90
N GLN A 147 6.49 8.18 30.08
CA GLN A 147 5.76 9.44 29.99
C GLN A 147 4.81 9.60 28.80
N PRO A 148 5.27 9.29 27.57
CA PRO A 148 4.38 9.44 26.41
C PRO A 148 3.10 8.62 26.56
N ALA A 149 3.26 7.37 27.00
CA ALA A 149 2.13 6.48 27.20
C ALA A 149 1.22 7.01 28.29
N PHE A 150 1.82 7.50 29.38
CA PHE A 150 1.06 8.04 30.50
C PHE A 150 0.13 9.15 30.03
N LYS A 151 0.66 10.07 29.23
CA LYS A 151 -0.13 11.18 28.72
C LYS A 151 -1.28 10.72 27.84
N LEU A 152 -1.01 9.73 26.98
CA LEU A 152 -2.03 9.19 26.10
C LEU A 152 -3.16 8.53 26.89
N ALA A 153 -2.82 7.90 28.00
CA ALA A 153 -3.81 7.24 28.83
C ALA A 153 -4.63 8.28 29.60
N ARG A 154 -3.94 9.26 30.16
CA ARG A 154 -4.56 10.31 30.95
C ARG A 154 -5.43 11.28 30.13
N ASP A 155 -4.86 11.81 29.05
CA ASP A 155 -5.57 12.77 28.22
C ASP A 155 -6.39 12.14 27.10
N GLY A 156 -6.12 10.87 26.81
CA GLY A 156 -6.85 10.18 25.77
C GLY A 156 -6.39 10.42 24.35
N PHE A 157 -6.92 9.63 23.43
CA PHE A 157 -6.59 9.78 22.01
C PHE A 157 -7.82 9.42 21.18
N ILE A 158 -7.82 9.83 19.92
CA ILE A 158 -8.95 9.57 19.04
C ILE A 158 -8.96 8.14 18.53
N VAL A 159 -10.12 7.49 18.62
CA VAL A 159 -10.27 6.12 18.14
C VAL A 159 -10.25 6.14 16.61
N ASN A 160 -9.35 5.38 16.01
CA ASN A 160 -9.24 5.31 14.55
C ASN A 160 -10.00 4.12 13.97
N ASP A 161 -9.82 3.88 12.67
CA ASP A 161 -10.50 2.77 12.02
C ASP A 161 -10.07 1.42 12.58
N ALA A 162 -8.76 1.25 12.76
CA ALA A 162 -8.24 -0.01 13.27
C ALA A 162 -8.84 -0.38 14.62
N LEU A 163 -8.76 0.54 15.58
CA LEU A 163 -9.30 0.28 16.91
C LEU A 163 -10.81 0.14 16.92
N ALA A 164 -11.51 0.99 16.18
CA ALA A 164 -12.97 0.91 16.12
C ALA A 164 -13.38 -0.46 15.58
N ASP A 165 -12.71 -0.89 14.50
CA ASP A 165 -13.01 -2.18 13.89
C ASP A 165 -12.76 -3.34 14.83
N ASP A 166 -11.62 -3.33 15.51
CA ASP A 166 -11.30 -4.41 16.43
C ASP A 166 -12.24 -4.44 17.62
N LEU A 167 -12.62 -3.27 18.13
CA LEU A 167 -13.53 -3.24 19.27
C LEU A 167 -14.87 -3.84 18.91
N LYS A 168 -15.36 -3.52 17.72
CA LYS A 168 -16.64 -4.02 17.24
C LYS A 168 -16.62 -5.50 16.91
N THR A 169 -15.55 -5.97 16.30
CA THR A 169 -15.44 -7.37 15.92
C THR A 169 -15.00 -8.26 17.08
N TYR A 170 -13.72 -8.21 17.41
CA TYR A 170 -13.17 -9.03 18.48
C TYR A 170 -13.59 -8.59 19.88
N GLY A 171 -13.58 -7.29 20.12
CA GLY A 171 -13.94 -6.78 21.43
C GLY A 171 -15.33 -7.16 21.89
N SER A 172 -16.28 -7.16 20.97
CA SER A 172 -17.68 -7.49 21.30
C SER A 172 -17.84 -8.87 21.90
N GLU A 173 -16.89 -9.77 21.65
CA GLU A 173 -16.97 -11.12 22.15
C GLU A 173 -16.56 -11.27 23.62
N VAL A 174 -15.81 -10.31 24.14
CA VAL A 174 -15.34 -10.41 25.51
C VAL A 174 -15.41 -9.17 26.40
N LEU A 175 -15.04 -8.01 25.85
CA LEU A 175 -15.02 -6.78 26.64
C LEU A 175 -16.31 -6.43 27.40
N PRO A 176 -17.47 -6.49 26.74
CA PRO A 176 -18.69 -6.15 27.47
C PRO A 176 -19.13 -7.16 28.54
N ASN A 177 -18.44 -8.30 28.62
CA ASN A 177 -18.79 -9.32 29.60
C ASN A 177 -18.12 -9.14 30.96
N HIS A 178 -17.28 -8.11 31.07
CA HIS A 178 -16.58 -7.82 32.31
C HIS A 178 -16.81 -6.35 32.65
N GLU A 179 -17.35 -6.11 33.85
CA GLU A 179 -17.66 -4.75 34.29
C GLU A 179 -16.57 -3.72 34.10
N ASN A 180 -15.36 -4.01 34.60
CA ASN A 180 -14.28 -3.05 34.47
C ASN A 180 -13.86 -2.81 33.02
N SER A 181 -13.88 -3.86 32.20
CA SER A 181 -13.51 -3.72 30.80
C SER A 181 -14.54 -2.89 30.05
N LYS A 182 -15.82 -3.18 30.28
CA LYS A 182 -16.90 -2.47 29.61
C LYS A 182 -16.89 -0.98 29.95
N ALA A 183 -16.56 -0.67 31.20
CA ALA A 183 -16.52 0.73 31.65
C ALA A 183 -15.47 1.55 30.91
N ILE A 184 -14.47 0.88 30.38
CA ILE A 184 -13.40 1.56 29.65
C ILE A 184 -13.56 1.60 28.14
N PHE A 185 -13.87 0.44 27.55
CA PHE A 185 -13.96 0.32 26.10
C PHE A 185 -15.34 0.41 25.45
N TRP A 186 -16.40 0.40 26.28
CA TRP A 186 -17.76 0.49 25.75
C TRP A 186 -18.34 1.85 26.12
N LYS A 187 -19.31 2.31 25.33
CA LYS A 187 -19.94 3.60 25.57
C LYS A 187 -21.36 3.60 25.01
N GLU A 188 -22.32 3.99 25.83
CA GLU A 188 -23.72 4.04 25.39
C GLU A 188 -24.16 2.68 24.82
N GLY A 189 -23.70 1.61 25.48
CA GLY A 189 -24.06 0.26 25.08
C GLY A 189 -23.43 -0.28 23.80
N GLU A 190 -22.46 0.45 23.28
CA GLU A 190 -21.80 0.04 22.04
C GLU A 190 -20.30 0.22 22.13
N PRO A 191 -19.54 -0.49 21.28
CA PRO A 191 -18.09 -0.31 21.36
C PRO A 191 -17.78 1.14 20.95
N LEU A 192 -16.69 1.69 21.47
CA LEU A 192 -16.33 3.06 21.11
C LEU A 192 -16.23 3.14 19.58
N LYS A 193 -16.73 4.24 19.02
CA LYS A 193 -16.73 4.43 17.58
C LYS A 193 -15.57 5.29 17.09
N LYS A 194 -15.30 5.20 15.79
CA LYS A 194 -14.24 5.99 15.17
C LYS A 194 -14.58 7.45 15.42
N GLY A 195 -13.60 8.21 15.90
CA GLY A 195 -13.84 9.61 16.18
C GLY A 195 -14.01 9.88 17.66
N ASP A 196 -14.44 8.86 18.41
CA ASP A 196 -14.62 9.00 19.85
C ASP A 196 -13.24 9.13 20.50
N THR A 197 -13.22 9.62 21.73
CA THR A 197 -11.97 9.77 22.45
C THR A 197 -11.90 8.70 23.53
N LEU A 198 -10.79 7.97 23.56
CA LEU A 198 -10.60 6.92 24.54
C LEU A 198 -9.63 7.38 25.62
N VAL A 199 -10.17 7.59 26.82
CA VAL A 199 -9.37 7.99 27.97
C VAL A 199 -9.31 6.78 28.88
N GLN A 200 -8.12 6.47 29.39
CA GLN A 200 -7.94 5.32 30.27
C GLN A 200 -7.31 5.78 31.57
N ALA A 201 -8.14 6.34 32.44
CA ALA A 201 -7.70 6.87 33.73
C ALA A 201 -7.01 5.87 34.65
N ASN A 202 -7.56 4.67 34.76
CA ASN A 202 -6.95 3.67 35.62
C ASN A 202 -5.60 3.24 35.09
N LEU A 203 -5.51 3.04 33.78
CA LEU A 203 -4.25 2.65 33.15
C LEU A 203 -3.23 3.76 33.35
N ALA A 204 -3.69 5.01 33.30
CA ALA A 204 -2.81 6.16 33.50
C ALA A 204 -2.21 6.10 34.90
N LYS A 205 -3.04 5.75 35.89
CA LYS A 205 -2.56 5.64 37.26
C LYS A 205 -1.52 4.53 37.35
N SER A 206 -1.79 3.40 36.72
CA SER A 206 -0.86 2.29 36.73
C SER A 206 0.47 2.70 36.11
N LEU A 207 0.41 3.41 34.99
CA LEU A 207 1.61 3.86 34.31
C LEU A 207 2.39 4.85 35.17
N GLU A 208 1.67 5.77 35.80
CA GLU A 208 2.28 6.78 36.66
C GLU A 208 3.04 6.14 37.81
N ILE A 210 4.24 3.07 37.90
CA ILE A 210 5.37 2.29 37.40
C ILE A 210 6.52 3.25 37.14
N ALA A 211 6.19 4.40 36.57
CA ALA A 211 7.20 5.40 36.27
C ALA A 211 7.88 5.89 37.53
N GLU A 212 7.11 6.05 38.60
CA GLU A 212 7.67 6.54 39.85
C GLU A 212 8.31 5.49 40.75
N ASN A 213 7.72 4.29 40.79
CA ASN A 213 8.26 3.25 41.66
C ASN A 213 9.05 2.14 40.97
N GLY A 214 9.04 2.14 39.64
CA GLY A 214 9.77 1.12 38.91
C GLY A 214 8.92 -0.12 38.65
N PRO A 215 9.49 -1.15 38.03
CA PRO A 215 8.75 -2.38 37.73
C PRO A 215 8.16 -3.09 38.94
N ASP A 216 8.74 -2.87 40.12
CA ASP A 216 8.22 -3.50 41.33
C ASP A 216 6.77 -3.12 41.56
N GLU A 217 6.34 -1.98 41.03
CA GLU A 217 4.96 -1.56 41.19
C GLU A 217 4.03 -2.60 40.57
N PHE A 218 4.44 -3.14 39.43
CA PHE A 218 3.65 -4.14 38.74
C PHE A 218 3.71 -5.51 39.42
N TYR A 219 4.90 -5.92 39.81
CA TYR A 219 5.11 -7.23 40.41
C TYR A 219 4.97 -7.37 41.93
N LYS A 220 5.01 -6.26 42.65
CA LYS A 220 4.89 -6.30 44.10
C LYS A 220 4.02 -5.19 44.68
N GLY A 221 3.74 -4.18 43.87
CA GLY A 221 2.95 -3.05 44.33
C GLY A 221 1.43 -3.13 44.18
N THR A 222 0.81 -1.97 44.03
CA THR A 222 -0.64 -1.87 43.90
C THR A 222 -1.18 -2.64 42.70
N ILE A 223 -0.46 -2.61 41.59
CA ILE A 223 -0.91 -3.32 40.41
C ILE A 223 -0.95 -4.82 40.69
N ALA A 224 0.09 -5.33 41.36
CA ALA A 224 0.15 -6.74 41.69
C ALA A 224 -1.05 -7.11 42.55
N GLU A 225 -1.39 -6.24 43.49
CA GLU A 225 -2.53 -6.47 44.37
C GLU A 225 -3.83 -6.54 43.55
N GLN A 226 -3.97 -5.62 42.60
CA GLN A 226 -5.15 -5.58 41.75
C GLN A 226 -5.30 -6.82 40.89
N ILE A 227 -4.18 -7.32 40.37
CA ILE A 227 -4.20 -8.53 39.55
C ILE A 227 -4.56 -9.74 40.43
N ALA A 228 -3.92 -9.83 41.59
CA ALA A 228 -4.16 -10.94 42.52
C ALA A 228 -5.62 -10.98 42.96
N GLN A 229 -6.18 -9.81 43.27
CA GLN A 229 -7.58 -9.74 43.70
C GLN A 229 -8.54 -10.11 42.58
N GLU A 230 -8.24 -9.65 41.37
CA GLU A 230 -9.08 -9.95 40.21
C GLU A 230 -9.14 -11.47 40.06
N GLN A 232 -8.31 -13.93 42.51
CA GLN A 232 -8.88 -14.56 43.69
C GLN A 232 -10.41 -14.51 43.72
N LYS A 233 -10.98 -13.39 43.28
CA LYS A 233 -12.43 -13.22 43.28
C LYS A 233 -13.16 -13.94 42.15
N ASN A 234 -12.42 -14.37 41.13
CA ASN A 234 -13.03 -15.03 39.98
C ASN A 234 -12.49 -16.40 39.59
N GLY A 235 -11.90 -17.09 40.56
CA GLY A 235 -11.39 -18.43 40.29
C GLY A 235 -10.09 -18.50 39.51
N GLY A 236 -9.37 -17.38 39.45
CA GLY A 236 -8.10 -17.34 38.74
C GLY A 236 -6.98 -17.88 39.61
N LEU A 237 -5.80 -18.06 39.03
CA LEU A 237 -4.66 -18.62 39.77
C LEU A 237 -3.50 -17.68 40.09
N ILE A 238 -3.31 -16.63 39.30
CA ILE A 238 -2.19 -15.72 39.55
C ILE A 238 -2.26 -15.10 40.93
N THR A 239 -1.21 -15.34 41.72
CA THR A 239 -1.13 -14.83 43.09
C THR A 239 0.00 -13.81 43.21
N LYS A 240 0.08 -13.18 44.39
CA LYS A 240 1.14 -12.22 44.62
C LYS A 240 2.49 -12.93 44.59
N GLU A 241 2.52 -14.19 45.02
CA GLU A 241 3.75 -14.95 45.00
C GLU A 241 4.19 -15.15 43.56
N ASP A 242 3.23 -15.46 42.68
CA ASP A 242 3.54 -15.65 41.27
C ASP A 242 4.17 -14.37 40.70
N LEU A 243 3.53 -13.24 40.96
CA LEU A 243 4.03 -11.97 40.46
C LEU A 243 5.40 -11.62 41.01
N ALA A 244 5.62 -11.87 42.29
CA ALA A 244 6.90 -11.57 42.90
C ALA A 244 8.01 -12.49 42.39
N ALA A 245 7.63 -13.66 41.92
CA ALA A 245 8.59 -14.64 41.42
C ALA A 245 8.87 -14.52 39.93
N TYR A 246 8.10 -13.72 39.22
CA TYR A 246 8.32 -13.58 37.79
C TYR A 246 9.65 -12.95 37.45
N LYS A 247 10.29 -13.47 36.41
CA LYS A 247 11.55 -12.91 35.97
C LYS A 247 11.70 -13.02 34.46
N ALA A 248 12.14 -11.92 33.84
CA ALA A 248 12.39 -11.91 32.42
C ALA A 248 13.77 -12.56 32.35
N VAL A 249 14.06 -13.22 31.24
CA VAL A 249 15.33 -13.92 31.11
C VAL A 249 16.05 -13.60 29.82
N GLU A 250 17.31 -13.18 29.92
CA GLU A 250 18.10 -12.91 28.74
C GLU A 250 18.63 -14.27 28.29
N ARG A 251 18.46 -14.58 27.00
CA ARG A 251 18.91 -15.84 26.46
C ARG A 251 19.67 -15.66 25.16
N THR A 252 20.41 -16.69 24.76
CA THR A 252 21.17 -16.66 23.52
C THR A 252 20.23 -16.85 22.34
N PRO A 253 20.33 -15.98 21.33
CA PRO A 253 19.46 -16.11 20.15
C PRO A 253 19.73 -17.41 19.40
N ILE A 254 18.74 -17.88 18.65
CA ILE A 254 18.92 -19.05 17.82
C ILE A 254 19.28 -18.40 16.49
N SER A 255 20.27 -18.95 15.78
CA SER A 255 20.65 -18.35 14.52
C SER A 255 21.14 -19.38 13.52
N GLY A 256 21.24 -18.95 12.27
CA GLY A 256 21.69 -19.83 11.22
C GLY A 256 22.32 -19.02 10.10
N ASP A 257 22.74 -19.72 9.06
CA ASP A 257 23.37 -19.08 7.92
C ASP A 257 22.60 -19.54 6.69
N TYR A 258 22.10 -18.58 5.92
CA TYR A 258 21.36 -18.89 4.70
C TYR A 258 22.05 -18.16 3.55
N ARG A 259 22.72 -18.93 2.71
CA ARG A 259 23.43 -18.38 1.55
C ARG A 259 24.38 -17.23 1.89
N GLY A 260 25.01 -17.31 3.07
CA GLY A 260 25.95 -16.28 3.46
C GLY A 260 25.36 -15.16 4.31
N TYR A 261 24.06 -15.19 4.52
CA TYR A 261 23.38 -14.20 5.36
C TYR A 261 23.16 -14.89 6.70
N GLN A 262 23.33 -14.17 7.79
CA GLN A 262 23.09 -14.78 9.10
C GLN A 262 21.72 -14.33 9.60
N VAL A 263 20.93 -15.29 10.07
CA VAL A 263 19.59 -15.01 10.55
C VAL A 263 19.50 -15.26 12.05
N TYR A 264 19.05 -14.26 12.79
CA TYR A 264 18.91 -14.35 14.25
C TYR A 264 17.47 -14.19 14.67
N SER A 265 17.01 -15.07 15.55
CA SER A 265 15.65 -14.95 16.05
C SER A 265 15.55 -15.52 17.46
N PRO A 267 14.93 -17.95 20.69
CA PRO A 267 15.19 -19.34 21.11
C PRO A 267 14.02 -19.76 21.99
N PRO A 268 13.98 -21.05 22.38
CA PRO A 268 12.89 -21.50 23.26
C PRO A 268 12.94 -20.57 24.48
N PRO A 269 11.78 -20.28 25.10
CA PRO A 269 10.40 -20.72 24.87
C PRO A 269 9.69 -20.40 23.56
N SER A 270 10.40 -19.83 22.59
CA SER A 270 9.76 -19.60 21.30
C SER A 270 10.26 -20.69 20.35
N SER A 271 9.42 -21.06 19.39
CA SER A 271 9.77 -22.07 18.39
C SER A 271 10.17 -21.36 17.10
N GLY A 272 10.00 -20.03 17.10
CA GLY A 272 10.29 -19.24 15.92
C GLY A 272 11.68 -19.36 15.33
N GLY A 273 12.70 -19.05 16.11
CA GLY A 273 14.06 -19.10 15.62
C GLY A 273 14.44 -20.47 15.07
N ILE A 274 14.16 -21.51 15.84
CA ILE A 274 14.50 -22.86 15.43
C ILE A 274 13.88 -23.28 14.10
N HIS A 275 12.58 -23.06 13.93
CA HIS A 275 11.97 -23.49 12.67
C HIS A 275 12.25 -22.59 11.48
N ILE A 276 12.48 -21.31 11.71
CA ILE A 276 12.82 -20.44 10.60
C ILE A 276 14.19 -20.90 10.08
N VAL A 277 15.13 -21.13 11.01
CA VAL A 277 16.46 -21.58 10.61
C VAL A 277 16.38 -22.97 9.97
N GLN A 278 15.60 -23.86 10.57
CA GLN A 278 15.43 -25.21 10.04
C GLN A 278 14.91 -25.17 8.62
N ILE A 279 13.81 -24.44 8.39
CA ILE A 279 13.24 -24.35 7.06
C ILE A 279 14.21 -23.70 6.08
N LEU A 280 14.88 -22.64 6.49
CA LEU A 280 15.86 -22.00 5.60
C LEU A 280 16.95 -23.02 5.24
N ASN A 281 17.36 -23.83 6.21
CA ASN A 281 18.39 -24.84 5.95
C ASN A 281 17.90 -25.80 4.86
N ILE A 282 16.63 -26.16 4.91
CA ILE A 282 16.06 -27.07 3.92
C ILE A 282 16.03 -26.39 2.56
N LEU A 283 15.49 -25.18 2.51
CA LEU A 283 15.40 -24.42 1.27
C LEU A 283 16.74 -24.12 0.61
N GLU A 284 17.79 -24.02 1.42
CA GLU A 284 19.11 -23.71 0.89
C GLU A 284 19.56 -24.72 -0.16
N ASN A 285 19.00 -25.93 -0.09
CA ASN A 285 19.33 -27.01 -1.02
C ASN A 285 18.66 -26.87 -2.37
N PHE A 286 17.82 -25.85 -2.53
CA PHE A 286 17.11 -25.62 -3.78
C PHE A 286 17.47 -24.25 -4.34
N ASP A 287 17.37 -24.10 -5.65
CA ASP A 287 17.67 -22.82 -6.29
C ASP A 287 16.40 -21.98 -6.27
N LYS A 289 15.92 -18.79 -6.08
CA LYS A 289 15.97 -17.62 -6.96
C LYS A 289 15.52 -17.99 -8.37
N LYS A 290 15.95 -19.16 -8.85
CA LYS A 290 15.59 -19.62 -10.18
C LYS A 290 14.08 -19.81 -10.33
N TYR A 291 13.46 -20.44 -9.34
CA TYR A 291 12.02 -20.67 -9.38
C TYR A 291 11.26 -19.35 -9.34
N GLY A 292 11.68 -18.46 -8.44
CA GLY A 292 11.06 -17.16 -8.33
C GLY A 292 9.79 -17.08 -7.50
N PHE A 293 9.49 -15.87 -7.05
CA PHE A 293 8.31 -15.63 -6.24
C PHE A 293 7.02 -16.01 -6.97
N GLY A 294 6.08 -16.58 -6.24
CA GLY A 294 4.79 -16.94 -6.81
C GLY A 294 4.80 -18.06 -7.82
N SER A 295 5.88 -18.82 -7.88
CA SER A 295 5.94 -19.95 -8.82
C SER A 295 5.46 -21.19 -8.08
N ALA A 296 4.83 -22.11 -8.79
CA ALA A 296 4.34 -23.33 -8.17
C ALA A 296 5.49 -24.12 -7.56
N ASP A 297 6.64 -24.11 -8.22
CA ASP A 297 7.79 -24.85 -7.71
C ASP A 297 8.30 -24.31 -6.38
N ALA A 298 8.47 -22.99 -6.28
CA ALA A 298 8.94 -22.38 -5.05
C ALA A 298 7.98 -22.64 -3.89
N GLN A 300 5.74 -25.04 -3.72
CA GLN A 300 5.70 -26.49 -3.46
C GLN A 300 6.81 -26.87 -2.50
N ILE A 301 8.04 -26.45 -2.81
CA ILE A 301 9.19 -26.76 -1.98
C ILE A 301 9.03 -26.21 -0.57
N ALA A 303 6.20 -25.28 1.00
CA ALA A 303 5.08 -25.89 1.72
C ALA A 303 5.53 -27.24 2.29
N GLU A 304 6.25 -28.01 1.48
CA GLU A 304 6.72 -29.31 1.94
C GLU A 304 7.71 -29.16 3.09
N ALA A 305 8.65 -28.25 2.95
CA ALA A 305 9.64 -28.03 4.01
C ALA A 305 8.95 -27.65 5.31
N GLU A 306 7.94 -26.80 5.21
CA GLU A 306 7.21 -26.35 6.39
C GLU A 306 6.54 -27.50 7.13
N LYS A 307 6.05 -28.49 6.39
CA LYS A 307 5.39 -29.64 7.02
C LYS A 307 6.30 -30.32 8.04
N TYR A 308 7.53 -30.64 7.62
CA TYR A 308 8.48 -31.31 8.51
C TYR A 308 8.80 -30.48 9.74
N ALA A 309 8.91 -29.16 9.56
CA ALA A 309 9.22 -28.28 10.67
C ALA A 309 8.11 -28.26 11.72
N TYR A 310 6.86 -28.15 11.26
CA TYR A 310 5.74 -28.13 12.19
C TYR A 310 5.53 -29.48 12.87
N ALA A 311 5.92 -30.56 12.19
CA ALA A 311 5.79 -31.89 12.80
C ALA A 311 6.80 -31.92 13.94
N ASP A 312 8.01 -31.46 13.68
CA ASP A 312 9.04 -31.42 14.71
C ASP A 312 8.63 -30.50 15.86
N ARG A 313 7.99 -29.40 15.52
CA ARG A 313 7.54 -28.44 16.53
C ARG A 313 6.63 -29.09 17.56
N SER A 314 5.73 -29.96 17.11
CA SER A 314 4.77 -30.62 17.98
C SER A 314 5.36 -31.59 19.00
N GLU A 315 6.59 -32.02 18.74
CA GLU A 315 7.24 -33.00 19.59
C GLU A 315 8.41 -32.49 20.43
N TYR A 316 9.24 -31.64 19.84
CA TYR A 316 10.45 -31.18 20.51
C TYR A 316 10.52 -29.82 21.15
N LEU A 317 9.53 -28.97 20.89
CA LEU A 317 9.56 -27.61 21.44
C LEU A 317 8.79 -27.34 22.73
N GLY A 318 9.44 -26.62 23.63
CA GLY A 318 8.84 -26.28 24.91
C GLY A 318 9.78 -25.37 25.69
N ASP A 319 9.36 -24.98 26.89
CA ASP A 319 10.17 -24.12 27.76
C ASP A 319 11.48 -24.86 28.07
N PRO A 320 12.62 -24.29 27.65
CA PRO A 320 13.91 -24.92 27.89
C PRO A 320 14.30 -25.10 29.36
N ASP A 321 13.65 -24.35 30.25
CA ASP A 321 13.96 -24.44 31.66
C ASP A 321 13.28 -25.67 32.28
N PHE A 322 12.41 -26.31 31.50
CA PHE A 322 11.70 -27.50 31.99
C PHE A 322 11.96 -28.74 31.14
N VAL A 323 12.23 -28.53 29.85
CA VAL A 323 12.50 -29.65 28.96
C VAL A 323 13.71 -29.34 28.10
N LYS A 324 14.48 -30.36 27.75
CA LYS A 324 15.66 -30.17 26.92
C LYS A 324 15.23 -30.16 25.46
N VAL A 325 15.46 -29.04 24.80
CA VAL A 325 15.11 -28.89 23.39
C VAL A 325 16.33 -29.21 22.53
N PRO A 326 16.18 -30.15 21.57
CA PRO A 326 17.28 -30.54 20.69
C PRO A 326 17.48 -29.50 19.59
N TRP A 327 17.75 -28.27 19.99
CA TRP A 327 17.90 -27.18 19.03
C TRP A 327 19.06 -27.35 18.05
N GLN A 328 20.15 -27.94 18.51
CA GLN A 328 21.30 -28.15 17.63
C GLN A 328 20.92 -29.09 16.49
N ALA A 329 20.28 -30.20 16.83
CA ALA A 329 19.88 -31.17 15.82
C ALA A 329 18.86 -30.56 14.85
N LEU A 330 17.86 -29.86 15.40
CA LEU A 330 16.83 -29.26 14.57
C LEU A 330 17.34 -28.20 13.59
N THR A 331 18.46 -27.55 13.94
CA THR A 331 19.03 -26.52 13.08
C THR A 331 20.30 -27.01 12.38
N ASN A 332 20.51 -28.32 12.40
CA ASN A 332 21.67 -28.97 11.78
C ASN A 332 21.43 -29.06 10.27
N LYS A 333 22.41 -28.63 9.48
CA LYS A 333 22.27 -28.66 8.02
C LYS A 333 22.19 -30.06 7.42
N ALA A 334 22.83 -31.04 8.05
CA ALA A 334 22.79 -32.40 7.55
C ALA A 334 21.37 -32.94 7.73
N TYR A 335 20.74 -32.57 8.85
CA TYR A 335 19.38 -33.00 9.10
C TYR A 335 18.47 -32.34 8.06
N ALA A 336 18.69 -31.06 7.81
CA ALA A 336 17.90 -30.33 6.83
C ALA A 336 18.04 -30.98 5.45
N LYS A 337 19.25 -31.43 5.13
CA LYS A 337 19.51 -32.09 3.86
C LYS A 337 18.73 -33.39 3.75
N SER A 338 18.62 -34.12 4.86
CA SER A 338 17.89 -35.38 4.86
C SER A 338 16.41 -35.11 4.57
N ILE A 339 15.94 -33.93 4.95
CA ILE A 339 14.55 -33.57 4.70
C ILE A 339 14.42 -33.10 3.25
N ALA A 340 15.36 -32.27 2.81
CA ALA A 340 15.35 -31.76 1.45
C ALA A 340 15.30 -32.90 0.43
N ASP A 341 16.06 -33.96 0.69
CA ASP A 341 16.08 -35.10 -0.22
C ASP A 341 14.75 -35.83 -0.31
N GLN A 342 13.86 -35.60 0.65
CA GLN A 342 12.55 -36.24 0.67
C GLN A 342 11.51 -35.47 -0.14
N ILE A 343 11.80 -34.21 -0.42
CA ILE A 343 10.86 -33.36 -1.15
C ILE A 343 10.79 -33.63 -2.65
N ASP A 344 9.59 -33.96 -3.11
CA ASP A 344 9.33 -34.21 -4.52
C ASP A 344 8.66 -32.93 -5.04
N ILE A 345 9.35 -32.21 -5.91
CA ILE A 345 8.82 -30.96 -6.44
C ILE A 345 7.54 -31.15 -7.26
N ASN A 346 7.25 -32.40 -7.63
CA ASN A 346 6.07 -32.70 -8.43
C ASN A 346 4.97 -33.45 -7.68
N LYS A 347 5.22 -33.77 -6.40
CA LYS A 347 4.22 -34.50 -5.63
C LYS A 347 4.30 -34.22 -4.13
N ALA A 348 3.24 -33.64 -3.59
CA ALA A 348 3.18 -33.33 -2.17
C ALA A 348 3.03 -34.60 -1.33
N LYS A 349 3.68 -34.62 -0.17
CA LYS A 349 3.58 -35.77 0.72
C LYS A 349 2.54 -35.46 1.79
N PRO A 350 1.47 -36.26 1.87
CA PRO A 350 0.43 -36.01 2.86
C PRO A 350 1.01 -35.93 4.28
N SER A 351 0.44 -35.05 5.11
CA SER A 351 0.92 -34.89 6.47
C SER A 351 0.79 -36.19 7.26
N SER A 352 -0.13 -37.05 6.84
CA SER A 352 -0.34 -38.34 7.50
C SER A 352 0.90 -39.23 7.38
N GLU A 353 1.76 -38.91 6.43
CA GLU A 353 2.98 -39.68 6.20
C GLU A 353 4.20 -38.98 6.78
N ILE A 354 3.98 -37.87 7.47
CA ILE A 354 5.05 -37.10 8.07
C ILE A 354 4.97 -37.10 9.59
N ARG A 355 6.06 -37.51 10.23
CA ARG A 355 6.14 -37.56 11.68
C ARG A 355 7.37 -36.79 12.13
N PRO A 356 7.49 -36.51 13.44
CA PRO A 356 8.67 -35.79 13.93
C PRO A 356 9.90 -36.56 13.47
N GLY A 357 10.94 -35.85 13.06
CA GLY A 357 12.14 -36.52 12.59
C GLY A 357 12.93 -37.26 13.66
N LYS A 358 13.79 -38.18 13.22
CA LYS A 358 14.63 -38.92 14.14
C LYS A 358 15.93 -38.13 14.21
N LEU A 359 16.15 -37.48 15.34
CA LEU A 359 17.30 -36.62 15.55
C LEU A 359 18.58 -37.27 16.04
N ALA A 360 18.50 -38.52 16.47
CA ALA A 360 19.66 -39.24 17.00
C ALA A 360 20.96 -39.06 16.21
N PRO A 361 20.93 -39.29 14.89
CA PRO A 361 22.15 -39.15 14.08
C PRO A 361 22.68 -37.72 13.94
N TYR A 362 21.99 -36.75 14.52
CA TYR A 362 22.40 -35.36 14.41
C TYR A 362 22.66 -34.68 15.76
N GLU A 363 22.65 -35.47 16.82
CA GLU A 363 22.89 -34.93 18.16
C GLU A 363 23.93 -35.74 18.91
N THR B 1 -1.53 -10.09 18.92
CA THR B 1 -0.08 -9.94 18.86
C THR B 1 0.28 -8.74 17.99
N THR B 2 1.44 -8.13 18.26
CA THR B 2 1.88 -7.02 17.45
C THR B 2 3.39 -6.99 17.44
N HIS B 3 3.94 -6.54 16.32
CA HIS B 3 5.39 -6.46 16.19
C HIS B 3 5.85 -5.08 15.74
N TYR B 4 6.96 -4.63 16.28
CA TYR B 4 7.52 -3.35 15.88
C TYR B 4 9.04 -3.44 15.81
N SER B 5 9.63 -2.62 14.95
CA SER B 5 11.07 -2.60 14.74
C SER B 5 11.63 -1.20 14.90
N VAL B 6 12.88 -1.12 15.36
CA VAL B 6 13.55 0.15 15.59
C VAL B 6 15.04 0.11 15.24
N VAL B 7 15.53 1.16 14.58
CA VAL B 7 16.95 1.28 14.27
C VAL B 7 17.30 2.74 14.55
N ASP B 8 18.31 2.97 15.38
CA ASP B 8 18.70 4.33 15.70
C ASP B 8 19.84 4.85 14.82
N LYS B 9 20.20 6.11 15.03
CA LYS B 9 21.25 6.78 14.26
C LYS B 9 22.62 6.13 14.36
N ASP B 10 22.85 5.35 15.42
CA ASP B 10 24.12 4.69 15.63
C ASP B 10 24.18 3.31 14.99
N GLY B 11 23.03 2.83 14.53
CA GLY B 11 23.00 1.52 13.90
C GLY B 11 22.51 0.42 14.82
N ASN B 12 22.10 0.78 16.04
CA ASN B 12 21.58 -0.22 16.97
C ASN B 12 20.19 -0.59 16.47
N ALA B 13 19.83 -1.86 16.63
CA ALA B 13 18.53 -2.34 16.17
C ALA B 13 17.79 -3.14 17.24
N VAL B 14 16.48 -3.00 17.24
CA VAL B 14 15.64 -3.73 18.18
C VAL B 14 14.39 -4.21 17.46
N ALA B 15 14.00 -5.45 17.73
CA ALA B 15 12.81 -6.03 17.13
C ALA B 15 12.00 -6.59 18.30
N VAL B 16 10.76 -6.13 18.45
CA VAL B 16 9.92 -6.59 19.54
C VAL B 16 8.60 -7.15 19.06
N THR B 17 8.26 -8.34 19.54
CA THR B 17 6.95 -8.90 19.24
C THR B 17 6.39 -9.20 20.62
N TYR B 18 5.20 -8.68 20.92
CA TYR B 18 4.60 -8.98 22.21
C TYR B 18 3.10 -9.08 22.04
N THR B 19 2.42 -9.65 23.03
CA THR B 19 1.01 -9.94 22.83
C THR B 19 0.23 -10.32 24.08
N LEU B 20 -1.09 -10.34 23.93
CA LEU B 20 -2.03 -10.75 24.98
C LEU B 20 -2.55 -12.11 24.52
N ASN B 21 -2.05 -12.52 23.34
CA ASN B 21 -2.39 -13.73 22.59
C ASN B 21 -3.52 -13.34 21.64
N THR B 22 -4.77 -13.72 21.90
CA THR B 22 -5.83 -13.32 20.98
C THR B 22 -6.09 -11.82 21.14
N THR B 23 -6.88 -11.25 20.24
CA THR B 23 -7.18 -9.82 20.28
C THR B 23 -7.90 -9.43 21.57
N PHE B 24 -7.26 -8.56 22.36
CA PHE B 24 -7.75 -8.11 23.65
C PHE B 24 -7.58 -9.20 24.71
N GLY B 25 -6.91 -10.30 24.34
CA GLY B 25 -6.71 -11.38 25.28
C GLY B 25 -8.04 -11.89 25.82
N THR B 26 -8.11 -12.12 27.12
CA THR B 26 -9.35 -12.59 27.76
C THR B 26 -10.41 -11.50 27.73
N GLY B 27 -9.98 -10.26 27.50
CA GLY B 27 -10.91 -9.16 27.51
C GLY B 27 -11.23 -8.76 28.93
N ILE B 28 -10.46 -9.32 29.87
CA ILE B 28 -10.63 -9.06 31.29
C ILE B 28 -9.62 -8.04 31.80
N VAL B 29 -10.11 -6.93 32.36
CA VAL B 29 -9.22 -5.94 32.94
C VAL B 29 -8.96 -6.34 34.38
N ALA B 30 -7.72 -6.19 34.84
CA ALA B 30 -7.38 -6.56 36.21
C ALA B 30 -7.83 -5.50 37.20
N GLY B 31 -9.00 -5.70 37.78
CA GLY B 31 -9.50 -4.75 38.76
C GLY B 31 -9.49 -3.32 38.27
N GLU B 32 -9.00 -2.41 39.13
CA GLU B 32 -8.94 -1.00 38.79
C GLU B 32 -7.60 -0.57 38.21
N SER B 33 -6.87 -1.51 37.63
CA SER B 33 -5.57 -1.22 37.04
C SER B 33 -5.68 -0.73 35.60
N GLY B 34 -6.78 -1.07 34.96
CA GLY B 34 -6.98 -0.67 33.57
C GLY B 34 -6.19 -1.55 32.62
N ILE B 35 -5.58 -2.61 33.15
CA ILE B 35 -4.76 -3.52 32.36
C ILE B 35 -5.48 -4.79 31.91
N LEU B 36 -5.55 -5.00 30.60
CA LEU B 36 -6.19 -6.19 30.04
C LEU B 36 -5.30 -7.41 30.27
N LEU B 37 -5.92 -8.53 30.60
CA LEU B 37 -5.20 -9.77 30.89
C LEU B 37 -5.13 -10.73 29.71
N ASN B 38 -3.94 -11.27 29.49
CA ASN B 38 -3.64 -12.20 28.40
C ASN B 38 -4.36 -13.55 28.55
N ASN B 39 -4.46 -14.28 27.44
CA ASN B 39 -4.99 -15.63 27.46
C ASN B 39 -3.91 -16.52 26.83
N GLN B 40 -2.67 -16.28 27.26
CA GLN B 40 -1.51 -17.00 26.75
C GLN B 40 -1.49 -18.48 27.10
N ASP B 42 -3.46 -20.70 26.43
CA ASP B 42 -3.92 -21.55 25.33
C ASP B 42 -2.76 -21.95 24.43
N ASP B 43 -1.59 -21.36 24.64
CA ASP B 43 -0.44 -21.71 23.83
C ASP B 43 0.20 -23.02 24.30
N PHE B 44 -0.21 -23.49 25.47
CA PHE B 44 0.28 -24.77 25.99
C PHE B 44 -0.56 -25.82 25.26
N SER B 45 -0.11 -27.07 25.30
CA SER B 45 -0.91 -28.15 24.72
C SER B 45 -1.79 -28.57 25.89
N ALA B 46 -3.11 -28.46 25.73
CA ALA B 46 -4.04 -28.80 26.81
C ALA B 46 -4.17 -30.31 27.00
N LYS B 47 -3.95 -31.03 25.91
CA LYS B 47 -4.02 -32.48 25.91
C LYS B 47 -3.27 -32.95 24.67
N PRO B 48 -2.42 -33.96 24.80
CA PRO B 48 -1.65 -34.45 23.65
C PRO B 48 -2.52 -34.75 22.43
N GLY B 49 -2.13 -34.19 21.28
CA GLY B 49 -2.85 -34.45 20.04
C GLY B 49 -4.09 -33.63 19.77
N VAL B 50 -4.45 -32.72 20.68
CA VAL B 50 -5.63 -31.88 20.48
C VAL B 50 -5.14 -30.48 20.12
N PRO B 51 -5.60 -29.93 18.99
CA PRO B 51 -5.17 -28.58 18.58
C PRO B 51 -5.68 -27.42 19.42
N ASN B 52 -4.89 -26.35 19.47
CA ASN B 52 -5.29 -25.16 20.21
C ASN B 52 -5.94 -24.21 19.20
N VAL B 53 -6.16 -22.95 19.57
CA VAL B 53 -6.83 -22.02 18.67
C VAL B 53 -6.15 -21.78 17.32
N TYR B 54 -4.86 -22.06 17.23
CA TYR B 54 -4.13 -21.87 15.98
C TYR B 54 -3.93 -23.18 15.22
N GLY B 55 -4.53 -24.25 15.72
CA GLY B 55 -4.39 -25.55 15.08
C GLY B 55 -3.08 -26.23 15.42
N LEU B 56 -2.36 -25.69 16.40
CA LEU B 56 -1.09 -26.27 16.81
C LEU B 56 -1.31 -27.39 17.82
N VAL B 57 -0.44 -28.40 17.75
CA VAL B 57 -0.55 -29.53 18.66
C VAL B 57 0.74 -29.77 19.43
N GLY B 58 0.65 -30.56 20.49
CA GLY B 58 1.83 -30.85 21.27
C GLY B 58 1.68 -32.09 22.12
N GLY B 59 2.59 -32.25 23.07
CA GLY B 59 2.58 -33.39 23.95
C GLY B 59 3.23 -33.05 25.28
N ASP B 60 4.27 -33.81 25.65
CA ASP B 60 4.96 -33.58 26.91
C ASP B 60 5.75 -32.28 26.98
N ALA B 61 6.52 -32.00 25.94
CA ALA B 61 7.36 -30.81 25.91
C ALA B 61 6.63 -29.50 26.19
N ASN B 62 5.47 -29.32 25.57
CA ASN B 62 4.68 -28.11 25.74
C ASN B 62 3.43 -28.30 26.58
N ALA B 63 3.46 -29.29 27.48
CA ALA B 63 2.31 -29.54 28.35
C ALA B 63 2.27 -28.45 29.42
N VAL B 64 1.08 -28.18 29.94
CA VAL B 64 0.93 -27.17 31.00
C VAL B 64 1.67 -27.66 32.24
N GLY B 65 2.33 -26.73 32.92
CA GLY B 65 3.06 -27.07 34.12
C GLY B 65 3.26 -25.81 34.95
N PRO B 66 3.34 -25.93 36.28
CA PRO B 66 3.53 -24.74 37.11
C PRO B 66 4.82 -23.98 36.77
N ASN B 67 4.72 -22.66 36.71
CA ASN B 67 5.84 -21.77 36.43
C ASN B 67 6.46 -21.91 35.04
N LYS B 68 5.84 -22.73 34.21
CA LYS B 68 6.35 -22.96 32.86
C LYS B 68 5.89 -21.90 31.86
N ARG B 69 6.74 -21.62 30.88
CA ARG B 69 6.41 -20.64 29.85
C ARG B 69 5.82 -21.39 28.66
N PRO B 70 4.59 -21.04 28.26
CA PRO B 70 3.98 -21.73 27.11
C PRO B 70 4.75 -21.44 25.83
N LEU B 71 4.87 -22.47 24.98
CA LEU B 71 5.58 -22.34 23.71
C LEU B 71 4.95 -21.25 22.85
N SER B 72 5.80 -20.43 22.24
CA SER B 72 5.35 -19.34 21.37
C SER B 72 5.86 -19.57 19.96
N SER B 73 5.33 -18.79 19.02
CA SER B 73 5.76 -18.85 17.62
C SER B 73 6.35 -17.49 17.27
N SER B 75 8.49 -14.45 16.39
CA SER B 75 9.79 -14.41 15.77
C SER B 75 10.41 -13.08 15.40
N PRO B 76 10.67 -12.21 16.41
CA PRO B 76 11.30 -10.94 16.03
C PRO B 76 12.64 -11.41 15.44
N THR B 77 12.97 -10.91 14.26
CA THR B 77 14.14 -11.38 13.54
C THR B 77 15.03 -10.33 12.91
N ILE B 78 16.32 -10.63 12.84
CA ILE B 78 17.29 -9.75 12.21
C ILE B 78 18.14 -10.57 11.27
N VAL B 79 18.30 -10.08 10.05
CA VAL B 79 19.13 -10.75 9.06
C VAL B 79 20.37 -9.88 8.87
N VAL B 80 21.53 -10.53 8.88
CA VAL B 80 22.80 -9.82 8.72
C VAL B 80 23.37 -10.07 7.34
N LYS B 81 23.83 -8.99 6.69
CA LYS B 81 24.43 -9.07 5.36
C LYS B 81 25.79 -8.38 5.43
N ASP B 82 26.82 -9.04 4.91
CA ASP B 82 28.16 -8.48 4.95
C ASP B 82 28.57 -8.01 6.35
N GLY B 83 28.18 -8.79 7.35
CA GLY B 83 28.53 -8.48 8.72
C GLY B 83 27.75 -7.37 9.40
N LYS B 84 26.76 -6.82 8.71
CA LYS B 84 25.98 -5.73 9.30
C LYS B 84 24.49 -6.00 9.30
N THR B 85 23.82 -5.41 10.30
CA THR B 85 22.37 -5.54 10.41
C THR B 85 21.82 -5.08 9.07
N TRP B 86 20.96 -5.91 8.47
CA TRP B 86 20.42 -5.61 7.15
C TRP B 86 18.89 -5.57 7.11
N LEU B 87 18.24 -6.55 7.73
CA LEU B 87 16.78 -6.58 7.78
C LEU B 87 16.32 -6.82 9.21
N VAL B 88 15.39 -5.99 9.67
CA VAL B 88 14.82 -6.10 11.00
C VAL B 88 13.33 -6.31 10.74
N THR B 89 12.81 -7.45 11.17
CA THR B 89 11.40 -7.73 10.90
C THR B 89 10.72 -8.58 11.97
N GLY B 90 9.47 -8.92 11.72
CA GLY B 90 8.70 -9.71 12.66
C GLY B 90 7.24 -9.53 12.32
N SER B 91 6.37 -10.27 13.00
CA SER B 91 4.94 -10.17 12.72
C SER B 91 4.08 -10.99 13.66
N PRO B 92 2.79 -10.64 13.75
CA PRO B 92 1.84 -11.37 14.60
C PRO B 92 1.31 -12.49 13.70
N GLY B 93 0.46 -13.36 14.24
CA GLY B 93 -0.10 -14.41 13.41
C GLY B 93 -0.15 -15.81 14.01
N GLY B 94 0.11 -15.92 15.31
CA GLY B 94 0.09 -17.23 15.94
C GLY B 94 0.97 -18.19 15.19
N SER B 95 0.42 -19.34 14.80
CA SER B 95 1.20 -20.33 14.08
C SER B 95 1.79 -19.80 12.77
N ARG B 96 1.14 -18.78 12.20
CA ARG B 96 1.59 -18.22 10.92
C ARG B 96 2.79 -17.27 11.03
N ILE B 97 3.19 -16.91 12.24
CA ILE B 97 4.33 -16.02 12.40
C ILE B 97 5.59 -16.59 11.75
N ILE B 98 5.83 -17.89 12.00
CA ILE B 98 7.01 -18.55 11.46
C ILE B 98 7.10 -18.44 9.94
N THR B 99 6.01 -18.76 9.25
CA THR B 99 6.02 -18.69 7.79
C THR B 99 5.98 -17.28 7.24
N THR B 100 5.33 -16.36 7.94
CA THR B 100 5.28 -14.97 7.46
C THR B 100 6.69 -14.38 7.50
N VAL B 101 7.39 -14.58 8.61
CA VAL B 101 8.75 -14.05 8.74
C VAL B 101 9.66 -14.77 7.75
N LEU B 102 9.48 -16.08 7.62
CA LEU B 102 10.28 -16.86 6.68
C LEU B 102 10.17 -16.25 5.29
N GLN B 103 8.94 -15.92 4.88
CA GLN B 103 8.73 -15.34 3.57
C GLN B 103 9.42 -13.98 3.43
N VAL B 105 12.18 -13.18 4.79
CA VAL B 105 13.59 -13.49 4.59
C VAL B 105 13.85 -14.01 3.17
N VAL B 106 13.04 -14.96 2.73
CA VAL B 106 13.18 -15.53 1.38
C VAL B 106 12.99 -14.44 0.31
N ASN B 107 11.95 -13.61 0.49
CA ASN B 107 11.67 -12.53 -0.46
C ASN B 107 12.86 -11.58 -0.60
N SER B 108 13.49 -11.29 0.53
CA SER B 108 14.62 -10.37 0.56
C SER B 108 15.90 -10.95 -0.04
N ILE B 109 16.24 -12.16 0.38
CA ILE B 109 17.46 -12.81 -0.07
C ILE B 109 17.37 -13.48 -1.44
N ASP B 110 16.42 -14.39 -1.59
CA ASP B 110 16.28 -15.11 -2.84
C ASP B 110 15.68 -14.33 -4.01
N TYR B 111 14.63 -13.56 -3.73
CA TYR B 111 13.97 -12.81 -4.79
C TYR B 111 14.42 -11.35 -4.94
N GLY B 112 15.29 -10.91 -4.04
CA GLY B 112 15.83 -9.56 -4.10
C GLY B 112 14.81 -8.43 -4.05
N LEU B 113 13.69 -8.66 -3.38
CA LEU B 113 12.65 -7.64 -3.27
C LEU B 113 13.01 -6.60 -2.22
N ASN B 114 12.71 -5.33 -2.49
CA ASN B 114 13.00 -4.31 -1.50
C ASN B 114 12.04 -4.54 -0.34
N VAL B 115 12.30 -3.93 0.82
CA VAL B 115 11.46 -4.17 1.97
C VAL B 115 9.96 -3.94 1.76
N ALA B 116 9.60 -2.95 0.94
CA ALA B 116 8.18 -2.70 0.67
C ALA B 116 7.63 -3.79 -0.23
N GLU B 117 8.40 -4.19 -1.23
CA GLU B 117 7.96 -5.24 -2.15
C GLU B 117 7.75 -6.56 -1.41
N ALA B 118 8.68 -6.88 -0.52
CA ALA B 118 8.60 -8.11 0.26
C ALA B 118 7.38 -8.11 1.16
N THR B 119 7.06 -6.95 1.70
CA THR B 119 5.93 -6.76 2.61
C THR B 119 4.58 -6.86 1.93
N ASN B 120 4.46 -6.29 0.74
CA ASN B 120 3.20 -6.28 0.00
C ASN B 120 2.92 -7.55 -0.81
N ALA B 121 3.90 -8.42 -0.92
CA ALA B 121 3.73 -9.67 -1.66
C ALA B 121 2.79 -10.61 -0.90
N PRO B 122 2.00 -11.41 -1.63
CA PRO B 122 1.07 -12.34 -0.99
C PRO B 122 1.80 -13.45 -0.23
N ARG B 123 1.11 -14.02 0.75
CA ARG B 123 1.68 -15.08 1.60
C ARG B 123 0.93 -16.41 1.54
N PHE B 124 1.66 -17.49 1.76
CA PHE B 124 1.06 -18.82 1.79
C PHE B 124 1.62 -19.51 3.04
N HIS B 125 1.01 -20.62 3.45
CA HIS B 125 1.42 -21.23 4.69
C HIS B 125 0.91 -22.66 4.85
N HIS B 126 1.78 -23.54 5.33
CA HIS B 126 1.40 -24.92 5.60
C HIS B 126 1.98 -25.26 6.96
N GLN B 127 1.12 -25.67 7.89
CA GLN B 127 1.59 -26.00 9.23
C GLN B 127 1.44 -27.46 9.58
N TRP B 128 1.50 -28.33 8.56
CA TRP B 128 1.42 -29.78 8.73
C TRP B 128 0.00 -30.20 9.08
N LEU B 129 -0.47 -29.78 10.26
CA LEU B 129 -1.83 -30.06 10.71
C LEU B 129 -2.49 -28.72 11.04
N PRO B 130 -3.62 -28.41 10.38
CA PRO B 130 -4.31 -29.21 9.37
C PRO B 130 -3.53 -29.32 8.07
N ASP B 131 -3.77 -30.40 7.33
CA ASP B 131 -3.07 -30.61 6.07
C ASP B 131 -3.70 -29.81 4.93
N GLU B 132 -3.30 -28.54 4.84
CA GLU B 132 -3.81 -27.64 3.81
C GLU B 132 -2.75 -26.58 3.54
N LEU B 133 -2.66 -26.18 2.27
CA LEU B 133 -1.72 -25.15 1.88
C LEU B 133 -2.56 -23.88 1.87
N ARG B 134 -2.51 -23.14 2.96
CA ARG B 134 -3.26 -21.91 3.10
C ARG B 134 -2.65 -20.79 2.27
N VAL B 135 -3.48 -20.07 1.52
CA VAL B 135 -3.01 -18.96 0.70
C VAL B 135 -3.85 -17.71 0.89
N GLU B 136 -3.26 -16.57 0.61
CA GLU B 136 -3.96 -15.30 0.66
C GLU B 136 -4.38 -15.06 -0.77
N LYS B 137 -5.17 -14.03 -0.99
CA LYS B 137 -5.56 -13.68 -2.34
C LYS B 137 -4.27 -13.12 -2.95
N GLY B 138 -4.09 -13.25 -4.26
CA GLY B 138 -2.90 -12.71 -4.87
C GLY B 138 -2.03 -13.66 -5.68
N PHE B 139 -2.33 -14.95 -5.65
CA PHE B 139 -1.54 -15.90 -6.43
C PHE B 139 -2.26 -16.21 -7.74
N SER B 140 -1.48 -16.42 -8.79
CA SER B 140 -2.02 -16.69 -10.11
C SER B 140 -2.87 -17.97 -10.15
N PRO B 141 -3.98 -17.93 -10.90
CA PRO B 141 -4.84 -19.11 -11.00
C PRO B 141 -4.04 -20.23 -11.65
N ASP B 142 -3.13 -19.86 -12.55
CA ASP B 142 -2.29 -20.83 -13.24
C ASP B 142 -1.39 -21.54 -12.24
N THR B 143 -0.85 -20.78 -11.30
CA THR B 143 0.04 -21.33 -10.28
C THR B 143 -0.70 -22.21 -9.29
N LEU B 144 -1.86 -21.78 -8.84
CA LEU B 144 -2.64 -22.56 -7.88
C LEU B 144 -3.09 -23.87 -8.53
N LYS B 145 -3.35 -23.81 -9.83
CA LYS B 145 -3.77 -25.00 -10.56
C LYS B 145 -2.63 -26.02 -10.56
N LEU B 146 -1.41 -25.55 -10.77
CA LEU B 146 -0.24 -26.43 -10.77
C LEU B 146 -0.01 -27.03 -9.39
N LEU B 147 -0.21 -26.22 -8.36
CA LEU B 147 -0.03 -26.70 -6.99
C LEU B 147 -1.03 -27.80 -6.68
N GLU B 148 -2.27 -27.64 -7.13
CA GLU B 148 -3.29 -28.65 -6.90
C GLU B 148 -2.93 -29.93 -7.65
N ALA B 149 -2.32 -29.78 -8.81
CA ALA B 149 -1.92 -30.94 -9.61
C ALA B 149 -0.75 -31.67 -8.93
N LYS B 150 0.00 -30.95 -8.10
CA LYS B 150 1.12 -31.53 -7.38
C LYS B 150 0.62 -32.25 -6.13
N GLY B 151 -0.64 -32.07 -5.80
CA GLY B 151 -1.21 -32.72 -4.64
C GLY B 151 -1.47 -31.82 -3.45
N GLN B 152 -1.17 -30.53 -3.59
CA GLN B 152 -1.40 -29.60 -2.50
C GLN B 152 -2.91 -29.34 -2.39
N LYS B 153 -3.39 -29.18 -1.16
CA LYS B 153 -4.80 -28.91 -0.90
C LYS B 153 -4.87 -27.42 -0.59
N VAL B 154 -5.05 -26.62 -1.63
CA VAL B 154 -5.09 -25.16 -1.50
C VAL B 154 -6.36 -24.63 -0.84
N ALA B 155 -6.16 -23.77 0.16
CA ALA B 155 -7.27 -23.17 0.88
C ALA B 155 -7.10 -21.67 0.95
N LEU B 156 -7.96 -20.94 0.26
CA LEU B 156 -7.91 -19.47 0.26
C LEU B 156 -8.53 -18.98 1.56
N LYS B 157 -7.74 -18.26 2.35
CA LYS B 157 -8.23 -17.75 3.63
C LYS B 157 -7.84 -16.29 3.88
N GLU B 158 -8.17 -15.82 5.07
CA GLU B 158 -7.91 -14.44 5.50
C GLU B 158 -6.44 -14.02 5.37
N ALA B 159 -6.22 -12.72 5.26
CA ALA B 159 -4.86 -12.20 5.15
C ALA B 159 -4.08 -12.59 6.41
N GLY B 161 -0.82 -11.92 9.01
CA GLY B 161 0.21 -11.05 9.55
C GLY B 161 0.17 -9.55 9.40
N SER B 162 1.19 -8.92 9.99
CA SER B 162 1.37 -7.47 9.95
C SER B 162 2.86 -7.23 10.17
N THR B 163 3.62 -7.32 9.10
CA THR B 163 5.06 -7.10 9.20
C THR B 163 5.32 -5.60 9.32
N GLN B 164 6.27 -5.25 10.15
CA GLN B 164 6.67 -3.86 10.37
C GLN B 164 8.18 -4.02 10.34
N SER B 165 8.77 -3.65 9.20
CA SER B 165 10.18 -3.89 8.97
C SER B 165 11.05 -2.71 8.55
N ILE B 166 12.35 -2.90 8.73
CA ILE B 166 13.35 -1.90 8.38
C ILE B 166 14.53 -2.59 7.71
N VAL B 168 18.47 -1.91 6.23
CA VAL B 168 19.56 -0.95 6.31
C VAL B 168 20.41 -1.01 5.04
N GLY B 169 20.53 0.13 4.37
CA GLY B 169 21.31 0.20 3.15
C GLY B 169 22.80 0.08 3.38
N PRO B 170 23.58 -0.14 2.30
CA PRO B 170 25.03 -0.29 2.40
C PRO B 170 25.71 0.96 2.97
N ASP B 171 25.13 2.12 2.69
CA ASP B 171 25.67 3.39 3.17
C ASP B 171 25.10 3.77 4.53
N GLY B 172 24.22 2.92 5.06
CA GLY B 172 23.63 3.19 6.36
C GLY B 172 22.25 3.81 6.31
N GLU B 173 21.79 4.16 5.12
CA GLU B 173 20.46 4.75 4.97
C GLU B 173 19.42 3.72 5.37
N LEU B 174 18.25 4.18 5.80
CA LEU B 174 17.19 3.27 6.24
C LEU B 174 15.99 3.24 5.30
N TYR B 175 15.45 2.04 5.12
CA TYR B 175 14.28 1.80 4.27
C TYR B 175 13.29 1.02 5.13
N GLY B 176 12.03 1.42 5.10
CA GLY B 176 11.05 0.72 5.93
C GLY B 176 9.72 0.49 5.26
N ALA B 177 8.92 -0.40 5.84
CA ALA B 177 7.62 -0.70 5.30
C ALA B 177 6.66 -1.26 6.32
N SER B 178 5.45 -0.72 6.33
CA SER B 178 4.39 -1.19 7.19
C SER B 178 3.53 -2.08 6.29
N ASP B 179 2.78 -2.97 6.90
CA ASP B 179 1.96 -3.94 6.17
C ASP B 179 0.65 -3.39 5.61
N PRO B 180 0.32 -3.73 4.35
CA PRO B 180 -0.94 -3.23 3.80
C PRO B 180 -2.14 -3.86 4.52
N ARG B 181 -1.89 -5.00 5.15
CA ARG B 181 -2.94 -5.74 5.87
C ARG B 181 -3.45 -5.04 7.13
N SER B 182 -2.67 -4.10 7.65
CA SER B 182 -3.08 -3.39 8.85
C SER B 182 -3.24 -1.89 8.60
N VAL B 183 -4.44 -1.38 8.84
CA VAL B 183 -4.66 0.06 8.64
C VAL B 183 -4.21 0.85 9.87
N ASP B 184 -3.97 2.14 9.65
CA ASP B 184 -3.55 3.06 10.71
C ASP B 184 -2.18 2.80 11.34
N ASP B 185 -1.35 1.99 10.67
CA ASP B 185 -0.01 1.71 11.17
C ASP B 185 0.92 2.74 10.53
N LEU B 186 2.21 2.68 10.85
CA LEU B 186 3.12 3.65 10.29
C LEU B 186 4.59 3.31 10.48
N THR B 187 5.37 3.62 9.45
CA THR B 187 6.82 3.46 9.50
C THR B 187 7.28 4.87 9.19
N ALA B 188 8.07 5.45 10.09
CA ALA B 188 8.55 6.81 9.91
C ALA B 188 9.92 6.97 10.54
N GLY B 189 10.63 8.02 10.13
CA GLY B 189 11.95 8.24 10.66
C GLY B 189 12.37 9.69 10.50
N TYR B 190 13.67 9.93 10.57
CA TYR B 190 14.20 11.27 10.42
C TYR B 190 15.66 11.20 10.01
N GLU C 13 -13.77 -10.11 0.29
CA GLU C 13 -13.88 -8.89 -0.56
C GLU C 13 -12.73 -7.93 -0.30
N GLU C 14 -12.27 -7.88 0.94
CA GLU C 14 -11.18 -6.99 1.33
C GLU C 14 -10.32 -7.65 2.41
N ASP C 15 -9.12 -8.08 2.05
CA ASP C 15 -8.26 -8.73 3.03
C ASP C 15 -6.82 -8.22 3.09
N VAL C 16 -6.08 -8.27 1.98
CA VAL C 16 -4.69 -7.80 2.01
C VAL C 16 -4.59 -6.29 1.85
N PHE C 17 -5.36 -5.72 0.92
CA PHE C 17 -5.35 -4.28 0.69
C PHE C 17 -6.67 -3.66 1.14
N HIS C 18 -6.57 -2.60 1.94
CA HIS C 18 -7.73 -1.92 2.49
C HIS C 18 -7.88 -0.47 2.03
N PRO C 19 -9.06 -0.09 1.56
CA PRO C 19 -9.22 1.30 1.13
C PRO C 19 -9.43 2.25 2.29
N VAL C 20 -9.18 3.53 2.05
CA VAL C 20 -9.40 4.57 3.06
C VAL C 20 -10.92 4.69 3.14
N ARG C 21 -11.44 4.96 4.33
CA ARG C 21 -12.89 5.08 4.50
C ARG C 21 -13.32 6.46 5.00
N ALA C 22 -14.47 6.91 4.51
CA ALA C 22 -15.04 8.19 4.91
C ALA C 22 -16.55 8.09 4.82
N LYS C 23 -17.25 8.84 5.66
CA LYS C 23 -18.70 8.81 5.68
C LYS C 23 -19.39 9.83 4.78
N GLN C 24 -18.80 11.02 4.67
CA GLN C 24 -19.42 12.09 3.88
C GLN C 24 -18.75 12.46 2.56
N GLY C 25 -17.51 12.95 2.64
CA GLY C 25 -16.81 13.35 1.43
C GLY C 25 -15.41 12.78 1.33
N VAL C 27 -11.51 12.88 -1.18
CA VAL C 27 -10.67 13.38 -2.26
C VAL C 27 -9.47 12.46 -2.41
N ALA C 28 -9.15 12.08 -3.64
CA ALA C 28 -8.00 11.25 -3.90
C ALA C 28 -7.13 11.99 -4.91
N SER C 29 -5.88 12.27 -4.55
CA SER C 29 -4.98 12.98 -5.46
C SER C 29 -3.53 12.55 -5.25
N VAL C 30 -2.68 12.93 -6.20
CA VAL C 30 -1.27 12.58 -6.16
C VAL C 30 -0.46 13.35 -5.12
N ASP C 31 -1.08 14.34 -4.48
CA ASP C 31 -0.36 15.17 -3.51
C ASP C 31 -1.13 15.39 -2.22
N ALA C 32 -0.49 15.05 -1.10
CA ALA C 32 -1.13 15.19 0.21
C ALA C 32 -1.69 16.58 0.47
N THR C 33 -0.89 17.62 0.23
CA THR C 33 -1.34 18.98 0.46
C THR C 33 -2.57 19.32 -0.37
N ALA C 34 -2.55 18.97 -1.66
CA ALA C 34 -3.68 19.25 -2.54
C ALA C 34 -4.93 18.50 -2.08
N THR C 35 -4.75 17.25 -1.67
CA THR C 35 -5.88 16.46 -1.20
C THR C 35 -6.51 17.14 0.01
N GLN C 36 -5.67 17.62 0.92
CA GLN C 36 -6.15 18.27 2.13
C GLN C 36 -6.88 19.57 1.80
N VAL C 37 -6.44 20.27 0.76
CA VAL C 37 -7.10 21.50 0.34
C VAL C 37 -8.50 21.15 -0.11
N GLY C 38 -8.61 20.06 -0.88
CA GLY C 38 -9.91 19.62 -1.37
C GLY C 38 -10.86 19.22 -0.26
N VAL C 39 -10.35 18.46 0.70
CA VAL C 39 -11.17 18.01 1.81
C VAL C 39 -11.66 19.21 2.62
N ASP C 40 -10.79 20.18 2.82
CA ASP C 40 -11.16 21.38 3.57
C ASP C 40 -12.27 22.15 2.86
N ILE C 41 -12.22 22.20 1.54
CA ILE C 41 -13.25 22.89 0.77
C ILE C 41 -14.59 22.18 0.99
N LEU C 42 -14.56 20.85 0.98
CA LEU C 42 -15.78 20.08 1.21
C LEU C 42 -16.31 20.35 2.61
N LYS C 43 -15.41 20.35 3.58
CA LYS C 43 -15.81 20.60 4.96
C LYS C 43 -16.43 21.97 5.13
N GLU C 44 -15.95 22.94 4.35
CA GLU C 44 -16.46 24.30 4.40
C GLU C 44 -17.82 24.45 3.72
N GLY C 45 -18.25 23.39 3.03
CA GLY C 45 -19.54 23.43 2.36
C GLY C 45 -19.53 23.42 0.85
N GLY C 46 -18.34 23.42 0.25
CA GLY C 46 -18.27 23.41 -1.21
C GLY C 46 -18.68 22.06 -1.76
N ASN C 47 -19.13 22.01 -3.01
CA ASN C 47 -19.51 20.73 -3.59
C ASN C 47 -18.33 20.09 -4.30
N ALA C 48 -18.56 18.94 -4.92
CA ALA C 48 -17.49 18.21 -5.60
C ALA C 48 -16.75 19.05 -6.63
N VAL C 49 -17.49 19.85 -7.39
CA VAL C 49 -16.86 20.71 -8.39
C VAL C 49 -16.01 21.80 -7.72
N ASP C 50 -16.55 22.42 -6.66
CA ASP C 50 -15.80 23.45 -5.95
C ASP C 50 -14.47 22.87 -5.49
N ALA C 51 -14.53 21.71 -4.84
CA ALA C 51 -13.34 21.04 -4.34
C ALA C 51 -12.39 20.65 -5.47
N ALA C 52 -12.96 20.13 -6.56
CA ALA C 52 -12.15 19.71 -7.71
C ALA C 52 -11.35 20.89 -8.27
N VAL C 53 -12.00 22.04 -8.36
CA VAL C 53 -11.30 23.23 -8.87
C VAL C 53 -10.23 23.68 -7.89
N ALA C 54 -10.54 23.64 -6.59
CA ALA C 54 -9.57 24.03 -5.57
C ALA C 54 -8.36 23.11 -5.62
N VAL C 55 -8.60 21.82 -5.81
CA VAL C 55 -7.52 20.84 -5.89
C VAL C 55 -6.68 21.09 -7.14
N GLY C 56 -7.34 21.42 -8.25
CA GLY C 56 -6.65 21.68 -9.49
C GLY C 56 -5.74 22.89 -9.38
N TYR C 57 -6.19 23.93 -8.68
CA TYR C 57 -5.35 25.10 -8.52
C TYR C 57 -4.22 24.79 -7.55
N ALA C 58 -4.51 24.04 -6.49
CA ALA C 58 -3.48 23.70 -5.51
C ALA C 58 -2.36 22.89 -6.16
N LEU C 59 -2.73 21.90 -6.98
CA LEU C 59 -1.74 21.06 -7.65
C LEU C 59 -0.89 21.87 -8.64
N ALA C 60 -1.46 22.97 -9.15
CA ALA C 60 -0.72 23.83 -10.07
C ALA C 60 0.44 24.49 -9.33
N VAL C 61 0.38 24.43 -8.01
CA VAL C 61 1.42 25.01 -7.16
C VAL C 61 2.28 23.94 -6.50
N THR C 62 1.64 22.93 -5.91
CA THR C 62 2.36 21.88 -5.20
C THR C 62 2.87 20.72 -6.05
N HIS C 63 2.35 20.60 -7.27
CA HIS C 63 2.77 19.53 -8.16
C HIS C 63 3.08 20.10 -9.54
N PRO C 64 4.09 21.00 -9.62
CA PRO C 64 4.48 21.63 -10.88
C PRO C 64 4.82 20.66 -12.01
N GLN C 65 5.10 19.41 -11.67
CA GLN C 65 5.43 18.44 -12.70
C GLN C 65 4.24 18.12 -13.60
N ALA C 66 3.02 18.26 -13.08
CA ALA C 66 1.82 17.96 -13.86
C ALA C 66 0.63 18.87 -13.55
N GLY C 67 0.46 19.23 -12.27
CA GLY C 67 -0.60 20.15 -11.89
C GLY C 67 -0.22 21.40 -12.66
N ASN C 68 -1.19 22.20 -13.11
CA ASN C 68 -0.80 23.32 -13.96
C ASN C 68 -1.86 24.37 -14.25
N LEU C 69 -1.40 25.46 -14.82
CA LEU C 69 -2.24 26.54 -15.32
C LEU C 69 -1.80 26.66 -16.78
N GLY C 70 -0.61 26.11 -17.08
CA GLY C 70 -0.06 26.20 -18.43
C GLY C 70 -0.26 25.00 -19.33
N GLY C 71 -1.18 24.12 -18.95
CA GLY C 71 -1.46 22.95 -19.74
C GLY C 71 -2.94 22.79 -20.02
N GLY C 72 -3.44 21.57 -19.93
CA GLY C 72 -4.83 21.34 -20.19
C GLY C 72 -5.27 19.98 -19.70
N GLY C 73 -6.55 19.67 -19.91
CA GLY C 73 -7.04 18.40 -19.44
C GLY C 73 -8.52 18.21 -19.66
N PHE C 74 -9.07 17.26 -18.90
CA PHE C 74 -10.47 16.89 -19.00
C PHE C 74 -11.10 16.69 -17.63
N LEU C 76 -14.70 14.96 -15.84
CA LEU C 76 -15.94 14.21 -15.99
C LEU C 76 -16.73 14.53 -14.73
N ILE C 77 -17.99 14.93 -14.90
CA ILE C 77 -18.83 15.30 -13.77
C ILE C 77 -20.14 14.52 -13.77
N ARG C 78 -20.52 13.98 -12.62
CA ARG C 78 -21.81 13.29 -12.52
C ARG C 78 -22.49 13.80 -11.26
N SER C 79 -23.57 14.56 -11.45
CA SER C 79 -24.30 15.10 -10.32
C SER C 79 -25.11 14.01 -9.65
N LYS C 80 -25.53 14.27 -8.41
CA LYS C 80 -26.31 13.31 -7.66
C LYS C 80 -27.62 12.96 -8.37
N ASN C 81 -28.08 13.84 -9.25
CA ASN C 81 -29.32 13.60 -9.98
C ASN C 81 -29.10 12.78 -11.26
N GLY C 82 -27.87 12.33 -11.49
CA GLY C 82 -27.58 11.52 -12.66
C GLY C 82 -27.06 12.23 -13.88
N ASN C 83 -27.03 13.56 -13.85
CA ASN C 83 -26.54 14.35 -14.97
C ASN C 83 -25.03 14.14 -15.12
N THR C 84 -24.62 13.47 -16.20
CA THR C 84 -23.21 13.20 -16.44
C THR C 84 -22.72 13.98 -17.65
N THR C 85 -21.69 14.80 -17.46
CA THR C 85 -21.17 15.60 -18.55
C THR C 85 -19.65 15.61 -18.57
N ALA C 86 -19.09 16.06 -19.68
CA ALA C 86 -17.64 16.09 -19.85
C ALA C 86 -17.18 17.49 -20.22
N ILE C 87 -16.09 17.93 -19.60
CA ILE C 87 -15.53 19.24 -19.91
C ILE C 87 -14.19 19.05 -20.59
N ASP C 88 -14.11 19.53 -21.82
CA ASP C 88 -12.90 19.44 -22.62
C ASP C 88 -12.13 20.74 -22.49
N PHE C 89 -11.00 20.71 -21.79
CA PHE C 89 -10.17 21.90 -21.69
C PHE C 89 -8.76 21.57 -22.13
N ARG C 90 -8.73 20.82 -23.23
CA ARG C 90 -7.50 20.37 -23.90
C ARG C 90 -6.94 21.58 -24.65
N GLU C 91 -5.63 21.69 -24.74
CA GLU C 91 -5.02 22.81 -25.45
C GLU C 91 -5.39 22.82 -26.92
N ALA C 93 -4.02 24.00 -30.72
CA ALA C 93 -2.79 24.37 -31.42
C ALA C 93 -2.95 25.83 -31.83
N PRO C 94 -1.84 26.60 -31.83
CA PRO C 94 -1.91 28.01 -32.21
C PRO C 94 -2.44 28.14 -33.64
N ALA C 95 -3.02 29.30 -33.95
CA ALA C 95 -3.56 29.53 -35.28
C ALA C 95 -2.48 29.45 -36.36
N LYS C 96 -1.23 29.68 -35.97
CA LYS C 96 -0.12 29.63 -36.92
C LYS C 96 0.50 28.24 -37.05
N ALA C 97 -0.05 27.26 -36.32
CA ALA C 97 0.46 25.90 -36.38
C ALA C 97 0.22 25.32 -37.78
N THR C 98 1.15 24.51 -38.25
CA THR C 98 1.02 23.89 -39.57
C THR C 98 1.34 22.40 -39.50
N ARG C 99 0.77 21.64 -40.43
CA ARG C 99 0.95 20.20 -40.48
C ARG C 99 2.38 19.69 -40.31
N ASP C 100 3.31 20.24 -41.09
CA ASP C 100 4.70 19.78 -41.03
C ASP C 100 5.63 20.64 -40.17
N PHE C 102 6.86 20.25 -37.30
CA PHE C 102 7.87 19.54 -36.52
C PHE C 102 8.85 18.73 -37.35
N LEU C 103 8.79 18.88 -38.66
CA LEU C 103 9.68 18.15 -39.55
C LEU C 103 10.97 18.91 -39.79
N ASP C 104 12.10 18.19 -39.85
CA ASP C 104 13.36 18.85 -40.11
C ASP C 104 13.52 19.01 -41.62
N ASP C 105 14.63 19.58 -42.06
CA ASP C 105 14.86 19.82 -43.49
C ASP C 105 14.77 18.56 -44.34
N GLN C 106 14.99 17.40 -43.74
CA GLN C 106 14.93 16.14 -44.47
C GLN C 106 13.53 15.53 -44.45
N GLY C 107 12.61 16.18 -43.74
CA GLY C 107 11.25 15.69 -43.67
C GLY C 107 10.96 14.72 -42.53
N ASN C 108 11.89 14.62 -41.59
CA ASN C 108 11.72 13.71 -40.46
C ASN C 108 11.41 14.47 -39.18
N PRO C 109 10.46 13.95 -38.38
CA PRO C 109 10.11 14.64 -37.15
C PRO C 109 11.30 14.89 -36.22
N ASP C 110 11.29 16.05 -35.58
CA ASP C 110 12.34 16.45 -34.65
C ASP C 110 11.65 16.50 -33.28
N SER C 111 11.92 15.50 -32.43
CA SER C 111 11.29 15.46 -31.12
C SER C 111 11.68 16.64 -30.23
N LYS C 112 12.84 17.24 -30.49
CA LYS C 112 13.26 18.39 -29.69
C LYS C 112 12.28 19.54 -29.90
N LYS C 113 11.84 19.70 -31.14
CA LYS C 113 10.90 20.77 -31.45
C LYS C 113 9.54 20.58 -30.79
N SER C 114 9.06 19.34 -30.76
CA SER C 114 7.74 19.08 -30.18
C SER C 114 7.75 18.79 -28.68
N LEU C 115 8.94 18.74 -28.07
CA LEU C 115 9.02 18.46 -26.64
C LEU C 115 9.75 19.50 -25.80
N THR C 116 10.78 20.13 -26.34
CA THR C 116 11.53 21.11 -25.54
C THR C 116 11.59 22.54 -26.05
N SER C 117 11.12 22.79 -27.26
CA SER C 117 11.15 24.14 -27.81
C SER C 117 9.83 24.87 -27.52
N HIS C 118 9.79 26.17 -27.79
CA HIS C 118 8.58 26.94 -27.56
C HIS C 118 7.46 26.53 -28.52
N LEU C 119 7.82 25.83 -29.60
CA LEU C 119 6.84 25.37 -30.58
C LEU C 119 6.07 24.17 -30.04
N ALA C 120 6.54 23.62 -28.92
CA ALA C 120 5.91 22.44 -28.33
C ALA C 120 4.63 22.73 -27.54
N SER C 121 4.35 24.01 -27.31
CA SER C 121 3.19 24.39 -26.51
C SER C 121 1.90 24.69 -27.25
N GLY C 122 0.81 24.19 -26.69
CA GLY C 122 -0.51 24.46 -27.25
C GLY C 122 -1.09 25.55 -26.34
N THR C 123 -2.12 26.24 -26.80
CA THR C 123 -2.75 27.29 -26.00
C THR C 123 -3.39 26.61 -24.78
N PRO C 124 -2.96 26.98 -23.56
CA PRO C 124 -3.50 26.38 -22.32
C PRO C 124 -4.99 26.49 -22.10
N GLY C 125 -5.59 25.41 -21.61
CA GLY C 125 -7.02 25.41 -21.37
C GLY C 125 -7.47 25.21 -19.93
N THR C 126 -6.56 24.86 -19.04
CA THR C 126 -6.93 24.62 -17.64
C THR C 126 -7.75 25.70 -16.96
N VAL C 127 -7.29 26.94 -16.99
CA VAL C 127 -8.03 28.02 -16.34
C VAL C 127 -9.44 28.15 -16.92
N ALA C 128 -9.56 28.04 -18.24
CA ALA C 128 -10.87 28.14 -18.88
C ALA C 128 -11.76 26.97 -18.48
N GLY C 129 -11.19 25.77 -18.43
CA GLY C 129 -11.97 24.61 -18.06
C GLY C 129 -12.48 24.67 -16.63
N PHE C 130 -11.62 25.07 -15.71
CA PHE C 130 -12.02 25.15 -14.31
C PHE C 130 -13.11 26.19 -14.09
N SER C 131 -13.04 27.32 -14.80
CA SER C 131 -14.05 28.34 -14.65
C SER C 131 -15.37 27.93 -15.29
N LEU C 132 -15.29 27.22 -16.42
CA LEU C 132 -16.52 26.78 -17.07
C LEU C 132 -17.26 25.88 -16.08
N ALA C 133 -16.52 24.95 -15.48
CA ALA C 133 -17.10 24.02 -14.53
C ALA C 133 -17.60 24.71 -13.27
N LEU C 134 -16.76 25.57 -12.69
CA LEU C 134 -17.12 26.27 -11.46
C LEU C 134 -18.36 27.13 -11.61
N ASP C 135 -18.42 27.89 -12.70
CA ASP C 135 -19.55 28.78 -12.95
C ASP C 135 -20.88 28.06 -13.15
N LYS C 136 -20.83 26.94 -13.86
CA LYS C 136 -22.05 26.20 -14.17
C LYS C 136 -22.47 25.14 -13.16
N TYR C 137 -21.49 24.45 -12.58
CA TYR C 137 -21.79 23.36 -11.65
C TYR C 137 -21.28 23.54 -10.22
N GLY C 138 -20.48 24.57 -9.99
CA GLY C 138 -19.97 24.81 -8.64
C GLY C 138 -20.90 25.71 -7.86
N THR C 139 -20.48 26.12 -6.66
CA THR C 139 -21.29 27.01 -5.82
C THR C 139 -20.46 28.14 -5.23
N PRO C 141 -17.28 31.17 -5.36
CA PRO C 141 -16.67 32.12 -6.30
C PRO C 141 -15.23 31.69 -6.55
N LEU C 142 -14.71 32.01 -7.72
CA LEU C 142 -13.34 31.63 -8.08
C LEU C 142 -12.29 32.03 -7.05
N ASN C 143 -12.41 33.24 -6.51
CA ASN C 143 -11.42 33.71 -5.54
C ASN C 143 -11.29 32.79 -4.33
N LYS C 144 -12.41 32.20 -3.90
CA LYS C 144 -12.38 31.32 -2.74
C LYS C 144 -11.72 29.97 -3.00
N VAL C 145 -11.89 29.43 -4.20
CA VAL C 145 -11.28 28.14 -4.51
C VAL C 145 -9.82 28.28 -4.95
N VAL C 146 -9.42 29.51 -5.28
CA VAL C 146 -8.04 29.77 -5.68
C VAL C 146 -7.18 30.16 -4.47
N GLN C 147 -7.82 30.69 -3.44
CA GLN C 147 -7.11 31.13 -2.24
C GLN C 147 -6.10 30.15 -1.65
N PRO C 148 -6.48 28.86 -1.48
CA PRO C 148 -5.52 27.91 -0.91
C PRO C 148 -4.24 27.83 -1.73
N ALA C 149 -4.38 27.75 -3.05
CA ALA C 149 -3.24 27.69 -3.96
C ALA C 149 -2.43 28.97 -3.86
N PHE C 150 -3.12 30.10 -3.78
CA PHE C 150 -2.45 31.39 -3.68
C PHE C 150 -1.52 31.43 -2.47
N LYS C 151 -2.04 31.02 -1.32
CA LYS C 151 -1.22 31.02 -0.11
C LYS C 151 0.00 30.11 -0.25
N LEU C 152 -0.21 28.93 -0.84
CA LEU C 152 0.88 27.99 -1.03
C LEU C 152 1.96 28.57 -1.95
N ALA C 153 1.53 29.32 -2.97
CA ALA C 153 2.49 29.92 -3.89
C ALA C 153 3.22 31.08 -3.21
N ARG C 154 2.46 31.90 -2.50
CA ARG C 154 3.01 33.08 -1.83
C ARG C 154 3.91 32.75 -0.65
N ASP C 155 3.44 31.89 0.25
CA ASP C 155 4.21 31.54 1.44
C ASP C 155 5.17 30.39 1.23
N GLY C 156 4.90 29.57 0.22
CA GLY C 156 5.77 28.44 -0.07
C GLY C 156 5.38 27.20 0.70
N PHE C 157 6.00 26.08 0.32
CA PHE C 157 5.74 24.81 0.99
C PHE C 157 7.03 23.99 0.97
N ILE C 158 7.10 22.99 1.83
CA ILE C 158 8.29 22.15 1.91
C ILE C 158 8.36 21.12 0.80
N VAL C 159 9.51 21.06 0.13
CA VAL C 159 9.73 20.12 -0.96
C VAL C 159 9.81 18.71 -0.38
N ASN C 160 8.95 17.82 -0.86
CA ASN C 160 8.93 16.43 -0.39
C ASN C 160 9.76 15.51 -1.28
N ASP C 161 9.63 14.20 -1.06
CA ASP C 161 10.38 13.23 -1.84
C ASP C 161 9.97 13.20 -3.31
N ALA C 162 8.66 13.19 -3.57
CA ALA C 162 8.17 13.15 -4.94
C ALA C 162 8.70 14.32 -5.76
N LEU C 163 8.53 15.53 -5.24
CA LEU C 163 8.99 16.73 -5.95
C LEU C 163 10.51 16.79 -6.05
N ALA C 164 11.20 16.49 -4.96
CA ALA C 164 12.66 16.52 -4.98
C ALA C 164 13.18 15.57 -6.05
N ASP C 165 12.67 14.34 -6.05
CA ASP C 165 13.11 13.35 -7.03
C ASP C 165 12.79 13.75 -8.47
N ASP C 166 11.60 14.30 -8.68
CA ASP C 166 11.24 14.71 -10.04
C ASP C 166 12.08 15.89 -10.52
N LEU C 167 12.37 16.83 -9.63
CA LEU C 167 13.20 17.98 -9.99
C LEU C 167 14.57 17.53 -10.44
N LYS C 168 15.14 16.57 -9.71
CA LYS C 168 16.47 16.04 -10.03
C LYS C 168 16.51 15.15 -11.26
N THR C 169 15.51 14.28 -11.39
CA THR C 169 15.45 13.36 -12.51
C THR C 169 14.95 13.95 -13.82
N TYR C 170 13.80 14.62 -13.78
CA TYR C 170 13.24 15.20 -14.99
C TYR C 170 13.52 16.70 -15.12
N GLY C 171 13.44 17.41 -14.00
CA GLY C 171 13.67 18.84 -14.02
C GLY C 171 15.05 19.24 -14.53
N SER C 172 16.06 18.47 -14.16
CA SER C 172 17.44 18.76 -14.58
C SER C 172 17.62 18.83 -16.09
N GLU C 173 16.74 18.15 -16.82
CA GLU C 173 16.83 18.14 -18.27
C GLU C 173 16.28 19.37 -18.96
N VAL C 174 15.45 20.14 -18.26
CA VAL C 174 14.85 21.31 -18.87
C VAL C 174 14.81 22.61 -18.07
N LEU C 175 14.47 22.53 -16.79
CA LEU C 175 14.34 23.72 -15.96
C LEU C 175 15.54 24.67 -15.91
N PRO C 176 16.76 24.14 -15.69
CA PRO C 176 17.89 25.06 -15.63
C PRO C 176 18.29 25.69 -16.97
N ASN C 177 17.67 25.22 -18.06
CA ASN C 177 17.97 25.73 -19.41
C ASN C 177 17.25 27.03 -19.75
N HIS C 178 16.39 27.49 -18.84
CA HIS C 178 15.63 28.70 -19.05
C HIS C 178 15.77 29.58 -17.82
N GLU C 179 16.27 30.79 -18.03
CA GLU C 179 16.52 31.72 -16.94
C GLU C 179 15.37 31.89 -15.95
N ASN C 180 14.14 32.10 -16.43
CA ASN C 180 13.03 32.27 -15.51
C ASN C 180 12.67 30.99 -14.75
N SER C 181 12.76 29.84 -15.40
CA SER C 181 12.45 28.58 -14.74
C SER C 181 13.53 28.28 -13.70
N LYS C 182 14.78 28.54 -14.06
CA LYS C 182 15.90 28.29 -13.17
C LYS C 182 15.80 29.14 -11.90
N ALA C 183 15.34 30.37 -12.05
CA ALA C 183 15.20 31.28 -10.92
C ALA C 183 14.23 30.77 -9.87
N ILE C 184 13.25 29.98 -10.30
CA ILE C 184 12.24 29.45 -9.40
C ILE C 184 12.54 28.07 -8.81
N PHE C 185 12.95 27.15 -9.67
CA PHE C 185 13.17 25.76 -9.25
C PHE C 185 14.60 25.35 -8.93
N TRP C 186 15.58 26.16 -9.33
CA TRP C 186 16.98 25.85 -9.07
C TRP C 186 17.52 26.78 -7.99
N LYS C 187 18.54 26.29 -7.28
CA LYS C 187 19.15 27.09 -6.22
C LYS C 187 20.62 26.71 -6.10
N GLU C 188 21.49 27.68 -6.32
CA GLU C 188 22.93 27.46 -6.23
C GLU C 188 23.41 26.42 -7.21
N GLY C 189 22.86 26.45 -8.42
CA GLY C 189 23.26 25.51 -9.46
C GLY C 189 22.70 24.11 -9.32
N GLU C 190 21.84 23.90 -8.33
CA GLU C 190 21.25 22.58 -8.10
C GLU C 190 19.74 22.69 -7.90
N PRO C 191 19.01 21.61 -8.20
CA PRO C 191 17.56 21.66 -8.01
C PRO C 191 17.24 21.74 -6.52
N LEU C 192 16.09 22.30 -6.18
CA LEU C 192 15.70 22.39 -4.78
C LEU C 192 15.68 20.97 -4.24
N LYS C 193 16.10 20.79 -3.00
CA LYS C 193 16.15 19.46 -2.38
C LYS C 193 15.05 19.24 -1.36
N LYS C 194 14.87 17.99 -0.96
CA LYS C 194 13.86 17.66 0.03
C LYS C 194 14.16 18.47 1.29
N GLY C 195 13.14 19.07 1.87
CA GLY C 195 13.35 19.88 3.06
C GLY C 195 13.41 21.35 2.74
N ASP C 196 13.79 21.68 1.51
CA ASP C 196 13.87 23.07 1.07
C ASP C 196 12.46 23.62 0.94
N THR C 197 12.34 24.94 0.95
CA THR C 197 11.05 25.59 0.80
C THR C 197 10.93 26.14 -0.61
N LEU C 198 9.85 25.79 -1.29
CA LEU C 198 9.63 26.28 -2.64
C LEU C 198 8.60 27.40 -2.62
N VAL C 199 9.07 28.61 -2.91
CA VAL C 199 8.22 29.78 -2.94
C VAL C 199 8.07 30.18 -4.41
N GLN C 200 6.85 30.47 -4.83
CA GLN C 200 6.59 30.85 -6.21
C GLN C 200 5.85 32.18 -6.24
N ALA C 201 6.61 33.24 -5.99
CA ALA C 201 6.07 34.60 -5.95
C ALA C 201 5.36 35.04 -7.22
N ASN C 202 5.95 34.75 -8.38
CA ASN C 202 5.33 35.14 -9.64
C ASN C 202 4.03 34.38 -9.85
N LEU C 203 4.03 33.09 -9.56
CA LEU C 203 2.82 32.29 -9.72
C LEU C 203 1.76 32.84 -8.78
N ALA C 204 2.19 33.25 -7.59
CA ALA C 204 1.28 33.81 -6.59
C ALA C 204 0.58 35.03 -7.17
N LYS C 205 1.35 35.90 -7.81
CA LYS C 205 0.78 37.10 -8.41
C LYS C 205 -0.24 36.72 -9.48
N SER C 206 0.13 35.75 -10.32
CA SER C 206 -0.76 35.27 -11.37
C SER C 206 -2.07 34.76 -10.77
N LEU C 207 -1.96 33.97 -9.71
CA LEU C 207 -3.13 33.42 -9.04
C LEU C 207 -3.98 34.53 -8.43
N GLU C 208 -3.30 35.51 -7.82
CA GLU C 208 -3.98 36.63 -7.19
C GLU C 208 -4.79 37.41 -8.22
N ILE C 210 -5.90 36.25 -11.10
CA ILE C 210 -6.97 35.40 -11.62
C ILE C 210 -8.13 35.45 -10.65
N ALA C 211 -7.82 35.40 -9.36
CA ALA C 211 -8.85 35.45 -8.33
C ALA C 211 -9.59 36.78 -8.38
N GLU C 212 -8.85 37.85 -8.67
CA GLU C 212 -9.43 39.20 -8.73
C GLU C 212 -10.13 39.54 -10.04
N ASN C 213 -9.52 39.21 -11.17
CA ASN C 213 -10.09 39.54 -12.47
C ASN C 213 -10.85 38.41 -13.16
N GLY C 214 -10.75 37.20 -12.63
CA GLY C 214 -11.43 36.08 -13.25
C GLY C 214 -10.54 35.42 -14.29
N PRO C 215 -11.04 34.42 -15.03
CA PRO C 215 -10.24 33.73 -16.05
C PRO C 215 -9.72 34.66 -17.16
N ASP C 216 -10.33 35.81 -17.32
CA ASP C 216 -9.90 36.78 -18.34
C ASP C 216 -8.46 37.22 -18.07
N GLU C 217 -8.03 37.13 -16.82
CA GLU C 217 -6.67 37.52 -16.49
C GLU C 217 -5.72 36.64 -17.30
N PHE C 218 -6.02 35.35 -17.35
CA PHE C 218 -5.19 34.40 -18.08
C PHE C 218 -5.28 34.51 -19.60
N TYR C 219 -6.50 34.69 -20.11
CA TYR C 219 -6.70 34.74 -21.54
C TYR C 219 -6.68 36.08 -22.23
N LYS C 220 -6.77 37.17 -21.46
CA LYS C 220 -6.76 38.50 -22.04
C LYS C 220 -5.91 39.53 -21.31
N GLY C 221 -5.60 39.24 -20.05
CA GLY C 221 -4.82 40.18 -19.24
C GLY C 221 -3.31 40.05 -19.25
N THR C 222 -2.70 40.47 -18.16
CA THR C 222 -1.24 40.42 -18.04
C THR C 222 -0.67 39.03 -18.29
N ILE C 223 -1.29 38.00 -17.74
CA ILE C 223 -0.78 36.65 -17.96
C ILE C 223 -0.77 36.33 -19.45
N ALA C 224 -1.84 36.69 -20.15
CA ALA C 224 -1.94 36.42 -21.58
C ALA C 224 -0.79 37.11 -22.32
N GLU C 225 -0.51 38.35 -21.95
CA GLU C 225 0.57 39.09 -22.60
C GLU C 225 1.92 38.46 -22.28
N GLN C 226 2.09 37.99 -21.05
CA GLN C 226 3.36 37.38 -20.67
C GLN C 226 3.62 36.10 -21.46
N ILE C 227 2.55 35.36 -21.75
CA ILE C 227 2.68 34.15 -22.55
C ILE C 227 3.01 34.54 -23.99
N ALA C 228 2.25 35.49 -24.55
CA ALA C 228 2.47 35.92 -25.92
C ALA C 228 3.88 36.48 -26.10
N GLN C 229 4.34 37.23 -25.10
CA GLN C 229 5.68 37.81 -25.15
C GLN C 229 6.76 36.73 -25.11
N GLU C 230 6.61 35.79 -24.18
CA GLU C 230 7.56 34.69 -24.05
C GLU C 230 7.67 33.98 -25.39
N GLN C 232 6.79 35.21 -28.52
CA GLN C 232 7.35 36.07 -29.55
C GLN C 232 8.87 36.17 -29.47
N LYS C 233 9.38 36.35 -28.26
CA LYS C 233 10.82 36.49 -28.05
C LYS C 233 11.60 35.23 -28.44
N ASN C 234 10.95 34.08 -28.38
CA ASN C 234 11.62 32.82 -28.68
C ASN C 234 11.16 32.00 -29.88
N GLY C 235 10.45 32.64 -30.81
CA GLY C 235 9.99 31.93 -31.99
C GLY C 235 8.83 30.98 -31.75
N GLY C 236 8.11 31.20 -30.67
CA GLY C 236 6.95 30.38 -30.36
C GLY C 236 5.76 30.90 -31.16
N LEU C 237 4.64 30.19 -31.13
CA LEU C 237 3.48 30.60 -31.91
C LEU C 237 2.26 31.16 -31.17
N ILE C 238 2.09 30.82 -29.90
CA ILE C 238 0.93 31.30 -29.15
C ILE C 238 0.87 32.82 -29.08
N THR C 239 -0.25 33.39 -29.52
CA THR C 239 -0.46 34.83 -29.53
C THR C 239 -1.62 35.22 -28.62
N LYS C 240 -1.79 36.52 -28.42
CA LYS C 240 -2.90 37.01 -27.60
C LYS C 240 -4.20 36.61 -28.29
N GLU C 241 -4.17 36.59 -29.62
CA GLU C 241 -5.35 36.22 -30.38
C GLU C 241 -5.70 34.76 -30.10
N ASP C 242 -4.69 33.90 -30.01
CA ASP C 242 -4.93 32.50 -29.71
C ASP C 242 -5.58 32.36 -28.33
N LEU C 243 -5.03 33.09 -27.36
CA LEU C 243 -5.54 33.04 -26.00
C LEU C 243 -6.97 33.57 -25.91
N ALA C 244 -7.25 34.66 -26.61
CA ALA C 244 -8.59 35.23 -26.58
C ALA C 244 -9.62 34.31 -27.26
N ALA C 245 -9.15 33.49 -28.19
CA ALA C 245 -10.02 32.59 -28.91
C ALA C 245 -10.18 31.23 -28.24
N TYR C 246 -9.38 30.96 -27.21
CA TYR C 246 -9.49 29.67 -26.54
C TYR C 246 -10.84 29.46 -25.88
N LYS C 247 -11.35 28.25 -25.97
CA LYS C 247 -12.62 27.94 -25.33
C LYS C 247 -12.64 26.51 -24.80
N ALA C 248 -13.10 26.35 -23.57
CA ALA C 248 -13.25 25.02 -22.99
C ALA C 248 -14.58 24.60 -23.63
N VAL C 249 -14.73 23.31 -23.90
CA VAL C 249 -15.94 22.81 -24.55
C VAL C 249 -16.64 21.70 -23.79
N GLU C 250 -17.92 21.90 -23.48
CA GLU C 250 -18.68 20.87 -22.79
C GLU C 250 -19.09 19.87 -23.86
N ARG C 251 -18.83 18.59 -23.61
CA ARG C 251 -19.15 17.55 -24.58
C ARG C 251 -19.92 16.40 -23.95
N THR C 252 -20.52 15.57 -24.80
CA THR C 252 -21.29 14.43 -24.32
C THR C 252 -20.33 13.28 -24.01
N PRO C 253 -20.39 12.76 -22.77
CA PRO C 253 -19.49 11.66 -22.40
C PRO C 253 -19.73 10.40 -23.22
N ILE C 254 -18.69 9.58 -23.36
CA ILE C 254 -18.83 8.31 -24.05
C ILE C 254 -19.44 7.44 -22.96
N SER C 255 -20.41 6.62 -23.31
CA SER C 255 -21.04 5.75 -22.34
C SER C 255 -21.27 4.37 -22.91
N GLY C 256 -20.75 3.37 -22.22
CA GLY C 256 -20.92 2.00 -22.69
C GLY C 256 -21.49 1.14 -21.58
N ASP C 257 -22.07 0.01 -21.95
CA ASP C 257 -22.65 -0.90 -20.97
C ASP C 257 -21.73 -2.12 -20.89
N TYR C 258 -21.38 -2.52 -19.68
CA TYR C 258 -20.51 -3.68 -19.49
C TYR C 258 -21.08 -4.51 -18.36
N ARG C 259 -21.65 -5.65 -18.71
CA ARG C 259 -22.24 -6.58 -17.75
C ARG C 259 -23.17 -5.92 -16.75
N GLY C 260 -24.00 -4.99 -17.22
CA GLY C 260 -24.94 -4.33 -16.34
C GLY C 260 -24.47 -3.01 -15.74
N TYR C 261 -23.19 -2.70 -15.90
CA TYR C 261 -22.62 -1.46 -15.38
C TYR C 261 -22.53 -0.45 -16.53
N GLN C 262 -22.70 0.83 -16.21
CA GLN C 262 -22.60 1.87 -17.21
C GLN C 262 -21.25 2.54 -17.00
N VAL C 263 -20.43 2.58 -18.05
CA VAL C 263 -19.11 3.20 -17.96
C VAL C 263 -19.07 4.51 -18.72
N TYR C 264 -18.81 5.60 -18.00
CA TYR C 264 -18.75 6.93 -18.59
C TYR C 264 -17.30 7.40 -18.66
N SER C 265 -16.90 7.91 -19.81
CA SER C 265 -15.54 8.40 -19.94
C SER C 265 -15.44 9.55 -20.94
N PRO C 267 -14.83 11.71 -24.23
CA PRO C 267 -14.98 11.53 -25.68
C PRO C 267 -13.87 12.32 -26.37
N PRO C 268 -13.82 12.25 -27.71
CA PRO C 268 -12.79 13.00 -28.46
C PRO C 268 -12.91 14.46 -28.03
N PRO C 269 -11.78 15.21 -28.01
CA PRO C 269 -10.39 14.91 -28.37
C PRO C 269 -9.63 13.87 -27.57
N SER C 270 -10.30 13.15 -26.68
CA SER C 270 -9.59 12.09 -25.99
C SER C 270 -9.97 10.79 -26.70
N SER C 271 -9.06 9.82 -26.69
CA SER C 271 -9.31 8.52 -27.29
C SER C 271 -9.66 7.54 -26.18
N GLY C 272 -9.49 7.99 -24.94
CA GLY C 272 -9.74 7.14 -23.79
C GLY C 272 -11.11 6.50 -23.67
N GLY C 273 -12.15 7.33 -23.65
CA GLY C 273 -13.50 6.81 -23.52
C GLY C 273 -13.85 5.78 -24.57
N ILE C 274 -13.61 6.13 -25.83
CA ILE C 274 -13.92 5.23 -26.93
C ILE C 274 -13.23 3.88 -26.85
N HIS C 275 -11.92 3.87 -26.63
CA HIS C 275 -11.22 2.59 -26.58
C HIS C 275 -11.46 1.79 -25.31
N ILE C 276 -11.75 2.45 -24.20
CA ILE C 276 -12.04 1.70 -22.98
C ILE C 276 -13.37 0.97 -23.20
N VAL C 277 -14.35 1.68 -23.74
CA VAL C 277 -15.65 1.07 -24.01
C VAL C 277 -15.52 0.01 -25.10
N GLN C 278 -14.71 0.28 -26.12
CA GLN C 278 -14.53 -0.67 -27.20
C GLN C 278 -13.90 -1.96 -26.69
N ILE C 279 -12.85 -1.85 -25.88
CA ILE C 279 -12.20 -3.03 -25.34
C ILE C 279 -13.14 -3.78 -24.40
N LEU C 280 -13.87 -3.05 -23.57
CA LEU C 280 -14.82 -3.68 -22.66
C LEU C 280 -15.86 -4.44 -23.47
N ASN C 281 -16.31 -3.84 -24.57
CA ASN C 281 -17.30 -4.49 -25.43
C ASN C 281 -16.75 -5.81 -25.94
N ILE C 282 -15.46 -5.82 -26.29
CA ILE C 282 -14.82 -7.04 -26.78
C ILE C 282 -14.74 -8.07 -25.65
N LEU C 283 -14.26 -7.63 -24.49
CA LEU C 283 -14.11 -8.50 -23.34
C LEU C 283 -15.43 -9.10 -22.85
N GLU C 284 -16.52 -8.37 -23.04
CA GLU C 284 -17.82 -8.84 -22.60
C GLU C 284 -18.17 -10.21 -23.18
N ASN C 285 -17.58 -10.53 -24.33
CA ASN C 285 -17.82 -11.80 -25.00
C ASN C 285 -17.09 -12.97 -24.37
N PHE C 286 -16.29 -12.68 -23.35
CA PHE C 286 -15.54 -13.72 -22.66
C PHE C 286 -15.89 -13.74 -21.18
N ASP C 287 -15.72 -14.90 -20.54
CA ASP C 287 -16.03 -15.03 -19.12
C ASP C 287 -14.77 -14.67 -18.35
N LYS C 289 -14.37 -13.28 -15.47
CA LYS C 289 -14.43 -13.67 -14.06
C LYS C 289 -13.89 -15.09 -13.85
N LYS C 290 -14.28 -16.01 -14.72
CA LYS C 290 -13.82 -17.41 -14.62
C LYS C 290 -12.31 -17.52 -14.80
N TYR C 291 -11.76 -16.78 -15.76
CA TYR C 291 -10.33 -16.81 -16.00
C TYR C 291 -9.59 -16.28 -14.78
N GLY C 292 -10.06 -15.16 -14.24
CA GLY C 292 -9.45 -14.58 -13.05
C GLY C 292 -8.26 -13.69 -13.27
N PHE C 293 -8.03 -12.80 -12.31
CA PHE C 293 -6.91 -11.87 -12.38
C PHE C 293 -5.58 -12.62 -12.43
N GLY C 294 -4.65 -12.10 -13.22
CA GLY C 294 -3.33 -12.70 -13.31
C GLY C 294 -3.24 -14.04 -14.02
N SER C 295 -4.31 -14.44 -14.69
CA SER C 295 -4.31 -15.70 -15.42
C SER C 295 -3.82 -15.44 -16.84
N ALA C 296 -3.14 -16.41 -17.44
CA ALA C 296 -2.63 -16.24 -18.79
C ALA C 296 -3.78 -16.04 -19.78
N ASP C 297 -4.90 -16.71 -19.56
CA ASP C 297 -6.04 -16.57 -20.45
C ASP C 297 -6.61 -15.15 -20.42
N ALA C 298 -6.82 -14.61 -19.22
CA ALA C 298 -7.36 -13.27 -19.09
C ALA C 298 -6.44 -12.24 -19.74
N GLN C 300 -4.18 -12.81 -22.05
CA GLN C 300 -4.09 -13.07 -23.48
C GLN C 300 -5.24 -12.38 -24.22
N ILE C 301 -6.45 -12.58 -23.71
CA ILE C 301 -7.64 -11.99 -24.32
C ILE C 301 -7.58 -10.46 -24.30
N ALA C 303 -4.86 -8.50 -23.95
CA ALA C 303 -3.76 -8.01 -24.75
C ALA C 303 -4.17 -7.99 -26.23
N GLU C 304 -4.81 -9.07 -26.67
CA GLU C 304 -5.24 -9.13 -28.06
C GLU C 304 -6.29 -8.06 -28.36
N ALA C 305 -7.26 -7.91 -27.45
CA ALA C 305 -8.30 -6.91 -27.62
C ALA C 305 -7.69 -5.51 -27.73
N GLU C 306 -6.71 -5.23 -26.87
CA GLU C 306 -6.05 -3.93 -26.88
C GLU C 306 -5.37 -3.64 -28.21
N LYS C 307 -4.81 -4.66 -28.86
CA LYS C 307 -4.14 -4.46 -30.14
C LYS C 307 -5.08 -3.83 -31.18
N TYR C 308 -6.27 -4.39 -31.31
CA TYR C 308 -7.24 -3.88 -32.27
C TYR C 308 -7.66 -2.46 -31.95
N ALA C 309 -7.81 -2.16 -30.66
CA ALA C 309 -8.22 -0.83 -30.23
C ALA C 309 -7.17 0.23 -30.60
N TYR C 310 -5.91 -0.07 -30.33
CA TYR C 310 -4.83 0.87 -30.64
C TYR C 310 -4.62 1.01 -32.13
N ALA C 311 -4.91 -0.05 -32.89
CA ALA C 311 -4.77 0.04 -34.35
C ALA C 311 -5.84 1.02 -34.81
N ASP C 312 -7.06 0.88 -34.27
CA ASP C 312 -8.14 1.78 -34.65
C ASP C 312 -7.82 3.21 -34.22
N ARG C 313 -7.20 3.35 -33.05
CA ARG C 313 -6.84 4.66 -32.53
C ARG C 313 -5.98 5.44 -33.51
N SER C 314 -5.01 4.75 -34.11
CA SER C 314 -4.08 5.37 -35.04
C SER C 314 -4.71 5.91 -36.32
N GLU C 315 -5.91 5.45 -36.65
CA GLU C 315 -6.57 5.88 -37.87
C GLU C 315 -7.83 6.74 -37.72
N TYR C 316 -8.64 6.43 -36.72
CA TYR C 316 -9.91 7.12 -36.56
C TYR C 316 -10.05 8.21 -35.50
N LEU C 317 -9.07 8.33 -34.62
CA LEU C 317 -9.16 9.31 -33.54
C LEU C 317 -8.46 10.65 -33.75
N GLY C 318 -9.18 11.71 -33.41
CA GLY C 318 -8.65 13.07 -33.54
C GLY C 318 -9.66 14.06 -33.01
N ASP C 319 -9.35 15.35 -33.11
CA ASP C 319 -10.24 16.41 -32.67
C ASP C 319 -11.55 16.27 -33.46
N PRO C 320 -12.66 15.99 -32.78
CA PRO C 320 -13.97 15.83 -33.44
C PRO C 320 -14.50 17.06 -34.15
N ASP C 321 -13.94 18.21 -33.84
CA ASP C 321 -14.37 19.45 -34.47
C ASP C 321 -13.70 19.66 -35.83
N PHE C 322 -12.70 18.82 -36.14
CA PHE C 322 -11.97 18.93 -37.39
C PHE C 322 -12.04 17.69 -38.26
N VAL C 323 -12.34 16.56 -37.65
CA VAL C 323 -12.44 15.31 -38.39
C VAL C 323 -13.62 14.55 -37.79
N LYS C 324 -14.34 13.82 -38.64
CA LYS C 324 -15.48 13.06 -38.16
C LYS C 324 -14.98 11.77 -37.54
N VAL C 325 -15.13 11.64 -36.23
CA VAL C 325 -14.70 10.43 -35.54
C VAL C 325 -15.87 9.46 -35.55
N PRO C 326 -15.65 8.23 -36.06
CA PRO C 326 -16.72 7.22 -36.09
C PRO C 326 -16.90 6.57 -34.73
N TRP C 327 -17.19 7.40 -33.72
CA TRP C 327 -17.34 6.89 -32.36
C TRP C 327 -18.44 5.86 -32.19
N GLN C 328 -19.55 6.02 -32.92
CA GLN C 328 -20.65 5.08 -32.82
C GLN C 328 -20.21 3.69 -33.26
N ALA C 329 -19.55 3.61 -34.41
CA ALA C 329 -19.08 2.33 -34.93
C ALA C 329 -18.03 1.71 -34.02
N LEU C 330 -17.07 2.52 -33.56
CA LEU C 330 -16.02 2.03 -32.69
C LEU C 330 -16.54 1.47 -31.37
N THR C 331 -17.67 1.99 -30.90
CA THR C 331 -18.25 1.53 -29.65
C THR C 331 -19.46 0.61 -29.87
N ASN C 332 -19.61 0.15 -31.12
CA ASN C 332 -20.71 -0.74 -31.49
C ASN C 332 -20.39 -2.15 -31.01
N LYS C 333 -21.32 -2.78 -30.31
CA LYS C 333 -21.09 -4.12 -29.79
C LYS C 333 -20.95 -5.20 -30.86
N ALA C 334 -21.60 -5.01 -32.01
CA ALA C 334 -21.51 -5.97 -33.09
C ALA C 334 -20.09 -5.93 -33.66
N TYR C 335 -19.52 -4.74 -33.72
CA TYR C 335 -18.16 -4.58 -34.22
C TYR C 335 -17.19 -5.23 -33.23
N ALA C 336 -17.46 -5.05 -31.94
CA ALA C 336 -16.62 -5.64 -30.91
C ALA C 336 -16.68 -7.15 -31.00
N LYS C 337 -17.86 -7.68 -31.31
CA LYS C 337 -18.03 -9.13 -31.45
C LYS C 337 -17.20 -9.66 -32.61
N SER C 338 -17.12 -8.88 -33.69
CA SER C 338 -16.36 -9.29 -34.85
C SER C 338 -14.87 -9.38 -34.50
N ILE C 339 -14.44 -8.57 -33.53
CA ILE C 339 -13.06 -8.59 -33.10
C ILE C 339 -12.84 -9.76 -32.13
N ALA C 340 -13.78 -9.94 -31.21
CA ALA C 340 -13.70 -11.02 -30.24
C ALA C 340 -13.60 -12.37 -30.94
N ASP C 341 -14.26 -12.49 -32.09
CA ASP C 341 -14.26 -13.73 -32.86
C ASP C 341 -12.91 -14.02 -33.53
N GLN C 342 -12.04 -13.02 -33.58
CA GLN C 342 -10.72 -13.19 -34.20
C GLN C 342 -9.67 -13.56 -33.17
N ILE C 343 -9.99 -13.36 -31.90
CA ILE C 343 -9.05 -13.65 -30.83
C ILE C 343 -8.90 -15.13 -30.51
N ASP C 344 -7.66 -15.61 -30.61
CA ASP C 344 -7.33 -17.01 -30.32
C ASP C 344 -6.66 -17.02 -28.96
N ILE C 345 -7.34 -17.56 -27.95
CA ILE C 345 -6.78 -17.61 -26.61
C ILE C 345 -5.49 -18.39 -26.49
N ASN C 346 -5.16 -19.17 -27.53
CA ASN C 346 -3.94 -19.98 -27.51
C ASN C 346 -2.85 -19.47 -28.44
N LYS C 347 -3.15 -18.44 -29.22
CA LYS C 347 -2.16 -17.89 -30.14
C LYS C 347 -2.36 -16.41 -30.40
N ALA C 348 -1.36 -15.62 -30.05
CA ALA C 348 -1.41 -14.19 -30.27
C ALA C 348 -1.23 -13.88 -31.75
N LYS C 349 -1.90 -12.82 -32.21
CA LYS C 349 -1.79 -12.40 -33.61
C LYS C 349 -0.81 -11.24 -33.69
N PRO C 350 0.28 -11.40 -34.47
CA PRO C 350 1.28 -10.34 -34.61
C PRO C 350 0.62 -9.02 -35.00
N SER C 351 1.10 -7.92 -34.44
CA SER C 351 0.55 -6.62 -34.77
C SER C 351 0.67 -6.33 -36.25
N SER C 352 1.70 -6.88 -36.89
CA SER C 352 1.92 -6.68 -38.31
C SER C 352 0.76 -7.23 -39.13
N GLU C 353 -0.07 -8.07 -38.50
CA GLU C 353 -1.21 -8.67 -39.18
C GLU C 353 -2.51 -7.97 -38.79
N ILE C 354 -2.41 -6.92 -37.98
CA ILE C 354 -3.57 -6.17 -37.54
C ILE C 354 -3.58 -4.75 -38.08
N ARG C 355 -4.69 -4.38 -38.69
CA ARG C 355 -4.88 -3.05 -39.27
C ARG C 355 -6.16 -2.44 -38.72
N PRO C 356 -6.37 -1.14 -38.95
CA PRO C 356 -7.60 -0.52 -38.44
C PRO C 356 -8.78 -1.28 -39.03
N GLY C 357 -9.81 -1.52 -38.22
CA GLY C 357 -10.95 -2.27 -38.68
C GLY C 357 -11.79 -1.58 -39.74
N LYS C 358 -12.55 -2.37 -40.49
CA LYS C 358 -13.44 -1.82 -41.51
C LYS C 358 -14.76 -1.54 -40.80
N LEU C 359 -15.05 -0.26 -40.60
CA LEU C 359 -16.25 0.16 -39.88
C LEU C 359 -17.53 0.32 -40.69
N ALA C 360 -17.41 0.32 -42.02
CA ALA C 360 -18.57 0.50 -42.89
C ALA C 360 -19.82 -0.28 -42.47
N PRO C 361 -19.71 -1.59 -42.26
CA PRO C 361 -20.87 -2.40 -41.86
C PRO C 361 -21.47 -2.08 -40.49
N TYR C 362 -20.83 -1.15 -39.77
CA TYR C 362 -21.30 -0.80 -38.44
C TYR C 362 -21.65 0.69 -38.32
N GLU C 363 -21.94 1.31 -39.46
CA GLU C 363 -22.30 2.72 -39.49
C GLU C 363 -23.78 2.92 -39.23
N THR D 1 1.45 14.19 -16.25
CA THR D 1 0.01 14.08 -16.11
C THR D 1 -0.35 13.68 -14.68
N THR D 2 -1.55 14.09 -14.25
CA THR D 2 -1.99 13.71 -12.92
C THR D 2 -3.50 13.61 -12.90
N HIS D 3 -4.01 12.69 -12.11
CA HIS D 3 -5.44 12.50 -12.00
C HIS D 3 -5.91 12.59 -10.55
N TYR D 4 -7.08 13.17 -10.34
CA TYR D 4 -7.65 13.22 -9.00
C TYR D 4 -9.15 13.03 -9.07
N SER D 5 -9.72 12.53 -7.99
CA SER D 5 -11.15 12.23 -7.91
C SER D 5 -11.76 12.83 -6.65
N VAL D 6 -13.03 13.22 -6.75
CA VAL D 6 -13.74 13.84 -5.64
C VAL D 6 -15.20 13.39 -5.59
N VAL D 7 -15.70 13.15 -4.37
CA VAL D 7 -17.10 12.81 -4.17
C VAL D 7 -17.52 13.59 -2.92
N ASP D 8 -18.60 14.36 -3.02
CA ASP D 8 -19.03 15.15 -1.87
C ASP D 8 -20.16 14.47 -1.09
N LYS D 9 -20.58 15.12 -0.01
CA LYS D 9 -21.62 14.59 0.87
C LYS D 9 -22.97 14.38 0.20
N ASP D 10 -23.21 15.04 -0.92
CA ASP D 10 -24.49 14.90 -1.62
C ASP D 10 -24.43 13.81 -2.68
N GLY D 11 -23.25 13.25 -2.89
CA GLY D 11 -23.12 12.20 -3.88
C GLY D 11 -22.63 12.65 -5.23
N ASN D 12 -22.32 13.94 -5.37
CA ASN D 12 -21.82 14.47 -6.63
C ASN D 12 -20.41 13.93 -6.79
N ALA D 13 -20.03 13.61 -8.02
CA ALA D 13 -18.72 13.07 -8.30
C ALA D 13 -18.00 13.82 -9.41
N VAL D 14 -16.69 13.93 -9.28
CA VAL D 14 -15.87 14.61 -10.29
C VAL D 14 -14.57 13.86 -10.47
N ALA D 15 -14.17 13.68 -11.73
CA ALA D 15 -12.92 13.02 -12.07
C ALA D 15 -12.15 13.97 -12.97
N VAL D 16 -10.94 14.32 -12.59
CA VAL D 16 -10.14 15.24 -13.39
C VAL D 16 -8.76 14.70 -13.72
N THR D 17 -8.40 14.72 -15.01
CA THR D 17 -7.07 14.33 -15.40
C THR D 17 -6.56 15.55 -16.17
N TYR D 18 -5.43 16.11 -15.76
CA TYR D 18 -4.89 17.23 -16.52
C TYR D 18 -3.39 17.14 -16.55
N THR D 19 -2.76 17.91 -17.42
CA THR D 19 -1.34 17.70 -17.61
C THR D 19 -0.61 18.78 -18.40
N LEU D 20 0.72 18.71 -18.37
CA LEU D 20 1.60 19.59 -19.14
C LEU D 20 2.19 18.71 -20.22
N ASN D 21 1.80 17.43 -20.16
CA ASN D 21 2.25 16.31 -21.01
C ASN D 21 3.43 15.66 -20.28
N THR D 22 4.67 15.89 -20.72
CA THR D 22 5.77 15.26 -19.99
C THR D 22 5.99 15.98 -18.65
N THR D 23 6.84 15.42 -17.80
CA THR D 23 7.09 16.00 -16.49
C THR D 23 7.70 17.40 -16.60
N PHE D 24 6.96 18.39 -16.09
CA PHE D 24 7.34 19.80 -16.15
C PHE D 24 7.12 20.38 -17.54
N GLY D 25 6.53 19.59 -18.43
CA GLY D 25 6.28 20.05 -19.78
C GLY D 25 7.60 20.43 -20.46
N THR D 26 7.59 21.57 -21.12
CA THR D 26 8.80 22.07 -21.79
C THR D 26 9.84 22.53 -20.79
N GLY D 27 9.40 22.78 -19.56
CA GLY D 27 10.31 23.26 -18.54
C GLY D 27 10.48 24.77 -18.69
N ILE D 28 9.70 25.36 -19.59
CA ILE D 28 9.75 26.80 -19.83
C ILE D 28 8.66 27.54 -19.08
N VAL D 29 9.05 28.53 -18.29
CA VAL D 29 8.07 29.34 -17.56
C VAL D 29 7.70 30.50 -18.48
N ALA D 30 6.43 30.88 -18.50
CA ALA D 30 5.97 31.96 -19.36
C ALA D 30 6.30 33.32 -18.77
N GLY D 31 7.45 33.87 -19.17
CA GLY D 31 7.86 35.17 -18.67
C GLY D 31 7.86 35.24 -17.16
N GLU D 32 7.32 36.34 -16.61
CA GLU D 32 7.27 36.54 -15.17
C GLU D 32 5.97 36.06 -14.55
N SER D 33 5.27 35.15 -15.23
CA SER D 33 4.01 34.63 -14.73
C SER D 33 4.20 33.48 -13.75
N GLY D 34 5.36 32.83 -13.81
CA GLY D 34 5.64 31.70 -12.93
C GLY D 34 4.94 30.44 -13.39
N ILE D 35 4.32 30.49 -14.56
CA ILE D 35 3.58 29.35 -15.11
C ILE D 35 4.36 28.51 -16.13
N LEU D 36 4.52 27.23 -15.83
CA LEU D 36 5.24 26.32 -16.73
C LEU D 36 4.39 26.02 -17.97
N LEU D 37 5.05 25.96 -19.12
CA LEU D 37 4.38 25.70 -20.39
C LEU D 37 4.41 24.24 -20.83
N ASN D 38 3.25 23.77 -21.24
CA ASN D 38 3.06 22.39 -21.72
C ASN D 38 3.80 22.08 -23.01
N ASN D 39 4.01 20.79 -23.27
CA ASN D 39 4.59 20.36 -24.54
C ASN D 39 3.58 19.38 -25.14
N GLN D 40 2.31 19.77 -25.09
CA GLN D 40 1.21 18.95 -25.59
C GLN D 40 1.23 18.73 -27.09
N ASP D 42 3.31 17.42 -28.88
CA ASP D 42 3.88 16.14 -29.27
C ASP D 42 2.80 15.05 -29.33
N ASP D 43 1.59 15.37 -28.86
CA ASP D 43 0.50 14.40 -28.90
C ASP D 43 -0.13 14.33 -30.29
N PHE D 44 0.23 15.27 -31.15
CA PHE D 44 -0.26 15.25 -32.53
C PHE D 44 0.65 14.24 -33.24
N SER D 45 0.26 13.83 -34.43
CA SER D 45 1.09 12.95 -35.22
C SER D 45 1.92 13.95 -36.03
N ALA D 46 3.23 13.93 -35.85
CA ALA D 46 4.11 14.87 -36.56
C ALA D 46 4.28 14.50 -38.04
N LYS D 47 4.16 13.20 -38.31
CA LYS D 47 4.28 12.67 -39.66
C LYS D 47 3.61 11.31 -39.62
N PRO D 48 2.78 11.00 -40.64
CA PRO D 48 2.09 9.70 -40.68
C PRO D 48 3.00 8.50 -40.48
N GLY D 49 2.63 7.65 -39.53
CA GLY D 49 3.41 6.43 -39.27
C GLY D 49 4.62 6.52 -38.37
N VAL D 50 4.99 7.73 -37.95
CA VAL D 50 6.14 7.90 -37.07
C VAL D 50 5.64 8.05 -35.63
N PRO D 51 6.15 7.24 -34.70
CA PRO D 51 5.71 7.32 -33.31
C PRO D 51 6.13 8.56 -32.54
N ASN D 52 5.33 8.95 -31.55
CA ASN D 52 5.66 10.10 -30.72
C ASN D 52 6.35 9.56 -29.47
N VAL D 53 6.47 10.39 -28.42
CA VAL D 53 7.18 9.96 -27.23
C VAL D 53 6.60 8.74 -26.51
N TYR D 54 5.32 8.44 -26.75
CA TYR D 54 4.69 7.29 -26.12
C TYR D 54 4.56 6.10 -27.06
N GLY D 55 5.16 6.22 -28.24
CA GLY D 55 5.09 5.14 -29.21
C GLY D 55 3.79 5.12 -29.99
N LEU D 56 2.99 6.16 -29.84
CA LEU D 56 1.71 6.24 -30.55
C LEU D 56 1.89 6.81 -31.95
N VAL D 57 1.09 6.33 -32.88
CA VAL D 57 1.17 6.77 -34.26
C VAL D 57 -0.15 7.31 -34.77
N GLY D 58 -0.11 8.01 -35.90
CA GLY D 58 -1.33 8.56 -36.46
C GLY D 58 -1.19 8.87 -37.94
N GLY D 59 -2.17 9.62 -38.44
CA GLY D 59 -2.19 10.00 -39.84
C GLY D 59 -2.91 11.32 -40.00
N ASP D 60 -3.92 11.35 -40.86
CA ASP D 60 -4.68 12.58 -41.10
C ASP D 60 -5.53 13.05 -39.92
N ALA D 61 -6.24 12.12 -39.28
CA ALA D 61 -7.12 12.46 -38.18
C ALA D 61 -6.46 13.26 -37.06
N ASN D 62 -5.27 12.84 -36.65
CA ASN D 62 -4.55 13.51 -35.58
C ASN D 62 -3.33 14.30 -36.07
N ALA D 63 -3.38 14.76 -37.32
CA ALA D 63 -2.28 15.54 -37.84
C ALA D 63 -2.33 16.93 -37.22
N VAL D 64 -1.19 17.61 -37.13
CA VAL D 64 -1.15 18.95 -36.59
C VAL D 64 -1.96 19.86 -37.51
N GLY D 65 -2.71 20.78 -36.92
CA GLY D 65 -3.49 21.71 -37.70
C GLY D 65 -3.79 22.93 -36.84
N PRO D 66 -3.96 24.11 -37.45
CA PRO D 66 -4.25 25.30 -36.64
C PRO D 66 -5.54 25.15 -35.83
N ASN D 67 -5.49 25.60 -34.57
CA ASN D 67 -6.62 25.56 -33.66
C ASN D 67 -7.12 24.18 -33.25
N LYS D 68 -6.45 23.14 -33.72
CA LYS D 68 -6.84 21.77 -33.43
C LYS D 68 -6.35 21.31 -32.06
N ARG D 69 -7.14 20.46 -31.41
CA ARG D 69 -6.78 19.92 -30.11
C ARG D 69 -6.08 18.58 -30.37
N PRO D 70 -4.84 18.42 -29.90
CA PRO D 70 -4.13 17.15 -30.13
C PRO D 70 -4.80 15.99 -29.40
N LEU D 71 -4.83 14.83 -30.05
CA LEU D 71 -5.45 13.65 -29.46
C LEU D 71 -4.81 13.27 -28.13
N SER D 72 -5.65 12.93 -27.15
CA SER D 72 -5.18 12.56 -25.82
C SER D 72 -5.58 11.13 -25.50
N SER D 73 -4.97 10.56 -24.46
CA SER D 73 -5.30 9.23 -23.99
C SER D 73 -5.93 9.35 -22.61
N SER D 75 -8.17 9.53 -19.52
CA SER D 75 -9.45 8.88 -19.30
C SER D 75 -10.14 9.02 -17.94
N PRO D 76 -10.51 10.25 -17.55
CA PRO D 76 -11.20 10.36 -16.27
C PRO D 76 -12.48 9.55 -16.48
N THR D 77 -12.74 8.63 -15.56
CA THR D 77 -13.86 7.72 -15.73
C THR D 77 -14.76 7.53 -14.51
N ILE D 78 -16.07 7.39 -14.76
CA ILE D 78 -17.03 7.15 -13.70
C ILE D 78 -17.87 5.95 -14.11
N VAL D 79 -17.87 4.92 -13.26
CA VAL D 79 -18.66 3.72 -13.51
C VAL D 79 -19.92 3.83 -12.67
N VAL D 80 -21.06 3.56 -13.29
CA VAL D 80 -22.34 3.65 -12.61
C VAL D 80 -22.99 2.28 -12.48
N LYS D 81 -23.56 2.03 -11.29
CA LYS D 81 -24.23 0.77 -11.01
C LYS D 81 -25.64 1.08 -10.49
N ASP D 82 -26.64 0.62 -11.22
CA ASP D 82 -28.04 0.85 -10.83
C ASP D 82 -28.37 2.34 -10.76
N GLY D 83 -27.81 3.11 -11.68
CA GLY D 83 -28.08 4.55 -11.71
C GLY D 83 -27.32 5.35 -10.68
N LYS D 84 -26.50 4.68 -9.87
CA LYS D 84 -25.73 5.37 -8.85
C LYS D 84 -24.23 5.31 -9.12
N THR D 85 -23.55 6.42 -8.88
CA THR D 85 -22.10 6.47 -9.07
C THR D 85 -21.51 5.37 -8.23
N TRP D 86 -20.60 4.61 -8.82
CA TRP D 86 -19.99 3.48 -8.13
C TRP D 86 -18.48 3.56 -8.04
N LEU D 87 -17.82 3.89 -9.15
CA LEU D 87 -16.37 4.01 -9.18
C LEU D 87 -15.95 5.26 -9.92
N VAL D 88 -15.06 6.02 -9.31
CA VAL D 88 -14.54 7.25 -9.91
C VAL D 88 -13.04 7.00 -9.99
N THR D 89 -12.47 7.05 -11.20
CA THR D 89 -11.05 6.78 -11.32
C THR D 89 -10.42 7.47 -12.53
N GLY D 90 -9.13 7.24 -12.71
CA GLY D 90 -8.38 7.84 -13.79
C GLY D 90 -6.91 7.66 -13.46
N SER D 91 -6.03 8.09 -14.37
CA SER D 91 -4.60 7.93 -14.13
C SER D 91 -3.75 8.57 -15.21
N PRO D 92 -2.48 8.86 -14.89
CA PRO D 92 -1.56 9.44 -15.86
C PRO D 92 -0.94 8.23 -16.56
N GLY D 93 -0.10 8.47 -17.56
CA GLY D 93 0.55 7.34 -18.23
C GLY D 93 0.63 7.39 -19.74
N GLY D 94 0.29 8.53 -20.33
CA GLY D 94 0.34 8.63 -21.78
C GLY D 94 -0.49 7.54 -22.42
N SER D 95 0.11 6.79 -23.34
CA SER D 95 -0.59 5.70 -24.01
C SER D 95 -1.11 4.65 -23.06
N ARG D 96 -0.47 4.50 -21.91
CA ARG D 96 -0.87 3.50 -20.92
C ARG D 96 -2.08 3.89 -20.08
N ILE D 97 -2.56 5.13 -20.20
CA ILE D 97 -3.71 5.54 -19.43
C ILE D 97 -4.92 4.66 -19.74
N ILE D 98 -5.15 4.42 -21.04
CA ILE D 98 -6.27 3.61 -21.49
C ILE D 98 -6.31 2.23 -20.84
N THR D 99 -5.18 1.53 -20.85
CA THR D 99 -5.14 0.19 -20.28
C THR D 99 -5.13 0.21 -18.75
N THR D 100 -4.54 1.23 -18.15
CA THR D 100 -4.51 1.32 -16.69
C THR D 100 -5.94 1.50 -16.17
N VAL D 101 -6.69 2.42 -16.78
CA VAL D 101 -8.06 2.63 -16.35
C VAL D 101 -8.92 1.41 -16.68
N LEU D 102 -8.67 0.82 -17.84
CA LEU D 102 -9.39 -0.38 -18.24
C LEU D 102 -9.25 -1.45 -17.16
N GLN D 103 -8.02 -1.65 -16.68
CA GLN D 103 -7.76 -2.64 -15.65
C GLN D 103 -8.48 -2.29 -14.35
N VAL D 105 -11.35 -0.88 -14.13
CA VAL D 105 -12.74 -1.27 -14.36
C VAL D 105 -12.91 -2.80 -14.36
N VAL D 106 -12.04 -3.50 -15.07
CA VAL D 106 -12.13 -4.96 -15.10
C VAL D 106 -11.89 -5.55 -13.72
N ASN D 107 -10.89 -5.02 -13.01
CA ASN D 107 -10.56 -5.50 -11.67
C ASN D 107 -11.76 -5.37 -10.74
N SER D 108 -12.48 -4.26 -10.86
CA SER D 108 -13.63 -3.98 -10.01
C SER D 108 -14.87 -4.81 -10.37
N ILE D 109 -15.19 -4.85 -11.65
CA ILE D 109 -16.38 -5.57 -12.11
C ILE D 109 -16.22 -7.08 -12.26
N ASP D 110 -15.21 -7.50 -13.01
CA ASP D 110 -15.01 -8.93 -13.25
C ASP D 110 -14.40 -9.71 -12.10
N TYR D 111 -13.42 -9.12 -11.42
CA TYR D 111 -12.74 -9.80 -10.33
C TYR D 111 -13.24 -9.41 -8.93
N GLY D 112 -14.18 -8.48 -8.88
CA GLY D 112 -14.75 -8.04 -7.62
C GLY D 112 -13.76 -7.52 -6.59
N LEU D 113 -12.68 -6.89 -7.04
CA LEU D 113 -11.68 -6.36 -6.12
C LEU D 113 -12.12 -5.03 -5.55
N ASN D 114 -11.82 -4.78 -4.26
CA ASN D 114 -12.20 -3.50 -3.69
C ASN D 114 -11.27 -2.46 -4.30
N VAL D 115 -11.61 -1.18 -4.16
CA VAL D 115 -10.80 -0.15 -4.79
C VAL D 115 -9.31 -0.19 -4.49
N ALA D 116 -8.95 -0.60 -3.27
CA ALA D 116 -7.53 -0.69 -2.91
C ALA D 116 -6.90 -1.92 -3.59
N GLU D 117 -7.61 -3.05 -3.57
CA GLU D 117 -7.09 -4.25 -4.20
C GLU D 117 -6.89 -4.03 -5.69
N ALA D 118 -7.85 -3.36 -6.32
CA ALA D 118 -7.76 -3.08 -7.75
C ALA D 118 -6.57 -2.18 -8.07
N THR D 119 -6.31 -1.24 -7.16
CA THR D 119 -5.22 -0.27 -7.32
C THR D 119 -3.83 -0.88 -7.14
N ASN D 120 -3.69 -1.76 -6.15
CA ASN D 120 -2.41 -2.39 -5.87
C ASN D 120 -2.06 -3.58 -6.76
N ALA D 121 -3.02 -4.06 -7.53
CA ALA D 121 -2.78 -5.19 -8.42
C ALA D 121 -1.82 -4.79 -9.55
N PRO D 122 -0.98 -5.73 -10.01
CA PRO D 122 -0.04 -5.42 -11.08
C PRO D 122 -0.76 -5.14 -12.40
N ARG D 123 -0.08 -4.39 -13.26
CA ARG D 123 -0.65 -4.00 -14.55
C ARG D 123 0.13 -4.50 -15.76
N PHE D 124 -0.58 -4.71 -16.86
CA PHE D 124 0.03 -5.12 -18.11
C PHE D 124 -0.54 -4.23 -19.20
N HIS D 125 0.11 -4.20 -20.34
CA HIS D 125 -0.30 -3.28 -21.41
C HIS D 125 0.21 -3.67 -22.78
N HIS D 126 -0.64 -3.55 -23.78
CA HIS D 126 -0.23 -3.81 -25.16
C HIS D 126 -0.86 -2.71 -26.00
N GLN D 127 -0.03 -1.94 -26.69
CA GLN D 127 -0.55 -0.84 -27.50
C GLN D 127 -0.38 -1.07 -29.00
N TRP D 128 -0.39 -2.34 -29.42
CA TRP D 128 -0.27 -2.71 -30.82
C TRP D 128 1.16 -2.46 -31.34
N LEU D 129 1.57 -1.19 -31.37
CA LEU D 129 2.92 -0.82 -31.79
C LEU D 129 3.49 0.04 -30.67
N PRO D 130 4.66 -0.36 -30.11
CA PRO D 130 5.44 -1.56 -30.45
C PRO D 130 4.71 -2.84 -30.10
N ASP D 131 5.00 -3.91 -30.83
CA ASP D 131 4.36 -5.19 -30.58
C ASP D 131 5.05 -5.89 -29.42
N GLU D 132 4.58 -5.61 -28.21
CA GLU D 132 5.12 -6.22 -27.01
C GLU D 132 4.07 -6.14 -25.91
N LEU D 133 4.00 -7.19 -25.10
CA LEU D 133 3.07 -7.22 -23.98
C LEU D 133 3.86 -6.73 -22.79
N ARG D 134 3.73 -5.44 -22.50
CA ARG D 134 4.44 -4.83 -21.39
C ARG D 134 3.80 -5.21 -20.06
N VAL D 135 4.64 -5.56 -19.09
CA VAL D 135 4.14 -5.93 -17.77
C VAL D 135 4.97 -5.28 -16.67
N GLU D 136 4.36 -5.16 -15.49
CA GLU D 136 5.06 -4.63 -14.33
C GLU D 136 5.49 -5.87 -13.57
N LYS D 137 6.23 -5.67 -12.49
CA LYS D 137 6.64 -6.78 -11.64
C LYS D 137 5.33 -7.22 -11.00
N GLY D 138 5.22 -8.49 -10.63
CA GLY D 138 4.01 -8.91 -9.96
C GLY D 138 3.25 -10.08 -10.54
N PHE D 139 3.56 -10.49 -11.76
CA PHE D 139 2.86 -11.61 -12.36
C PHE D 139 3.65 -12.89 -12.13
N SER D 140 2.94 -14.01 -12.02
CA SER D 140 3.57 -15.29 -11.78
C SER D 140 4.45 -15.77 -12.93
N PRO D 141 5.59 -16.39 -12.60
CA PRO D 141 6.51 -16.89 -13.64
C PRO D 141 5.78 -17.95 -14.46
N ASP D 142 4.90 -18.70 -13.81
CA ASP D 142 4.12 -19.75 -14.45
C ASP D 142 3.22 -19.14 -15.52
N THR D 143 2.63 -18.00 -15.18
CA THR D 143 1.73 -17.29 -16.09
C THR D 143 2.48 -16.66 -17.25
N LEU D 144 3.61 -16.03 -16.96
CA LEU D 144 4.39 -15.39 -18.02
C LEU D 144 4.91 -16.43 -19.01
N LYS D 145 5.19 -17.63 -18.54
CA LYS D 145 5.67 -18.69 -19.43
C LYS D 145 4.55 -19.09 -20.38
N LEU D 146 3.34 -19.21 -19.85
CA LEU D 146 2.18 -19.56 -20.67
C LEU D 146 1.93 -18.50 -21.72
N LEU D 147 2.05 -17.24 -21.33
CA LEU D 147 1.83 -16.13 -22.25
C LEU D 147 2.84 -16.17 -23.40
N GLU D 148 4.10 -16.45 -23.06
CA GLU D 148 5.13 -16.53 -24.08
C GLU D 148 4.86 -17.69 -25.02
N ALA D 149 4.33 -18.78 -24.47
CA ALA D 149 4.00 -19.96 -25.28
C ALA D 149 2.86 -19.62 -26.23
N LYS D 150 2.01 -18.67 -25.84
CA LYS D 150 0.89 -18.25 -26.66
C LYS D 150 1.34 -17.29 -27.76
N GLY D 151 2.61 -16.89 -27.71
CA GLY D 151 3.14 -15.99 -28.71
C GLY D 151 3.32 -14.54 -28.28
N GLN D 152 2.95 -14.23 -27.04
CA GLN D 152 3.09 -12.86 -26.54
C GLN D 152 4.57 -12.57 -26.31
N LYS D 153 4.99 -11.35 -26.62
CA LYS D 153 6.37 -10.94 -26.40
C LYS D 153 6.39 -10.11 -25.13
N VAL D 154 6.47 -10.80 -24.01
CA VAL D 154 6.49 -10.18 -22.69
C VAL D 154 7.71 -9.32 -22.44
N ALA D 155 7.47 -8.09 -21.98
CA ALA D 155 8.55 -7.15 -21.69
C ALA D 155 8.31 -6.52 -20.32
N LEU D 156 9.18 -6.86 -19.36
CA LEU D 156 9.07 -6.32 -18.01
C LEU D 156 9.64 -4.91 -18.00
N LYS D 157 8.81 -3.95 -17.64
CA LYS D 157 9.24 -2.55 -17.61
C LYS D 157 8.84 -1.85 -16.31
N GLU D 158 9.13 -0.54 -16.24
CA GLU D 158 8.83 0.24 -15.06
C GLU D 158 7.34 0.31 -14.74
N ALA D 159 7.04 0.68 -13.50
CA ALA D 159 5.66 0.79 -13.04
C ALA D 159 4.85 1.74 -13.91
N GLY D 161 1.41 4.19 -14.30
CA GLY D 161 0.31 4.95 -13.71
C GLY D 161 0.33 5.38 -12.25
N SER D 162 -0.74 6.08 -11.90
CA SER D 162 -0.98 6.58 -10.55
C SER D 162 -2.47 6.80 -10.43
N THR D 163 -3.18 5.72 -10.12
CA THR D 163 -4.63 5.80 -9.98
C THR D 163 -4.97 6.46 -8.64
N GLN D 164 -5.98 7.32 -8.66
CA GLN D 164 -6.46 8.01 -7.46
C GLN D 164 -7.96 7.80 -7.61
N SER D 165 -8.48 6.84 -6.86
CA SER D 165 -9.87 6.46 -7.00
C SER D 165 -10.76 6.45 -5.77
N ILE D 166 -12.07 6.48 -6.04
CA ILE D 166 -13.09 6.46 -5.00
C ILE D 166 -14.22 5.52 -5.41
N VAL D 168 -18.05 4.05 -4.21
CA VAL D 168 -19.17 4.36 -3.34
C VAL D 168 -19.90 3.08 -2.94
N GLY D 169 -20.00 2.84 -1.63
CA GLY D 169 -20.66 1.65 -1.15
C GLY D 169 -22.17 1.69 -1.35
N PRO D 170 -22.86 0.58 -1.10
CA PRO D 170 -24.32 0.50 -1.27
C PRO D 170 -25.08 1.47 -0.37
N ASP D 171 -24.54 1.70 0.83
CA ASP D 171 -25.16 2.61 1.79
C ASP D 171 -24.73 4.05 1.54
N GLY D 172 -23.84 4.25 0.58
CA GLY D 172 -23.38 5.59 0.27
C GLY D 172 -22.05 5.96 0.90
N GLU D 173 -21.51 5.06 1.72
CA GLU D 173 -20.23 5.31 2.38
C GLU D 173 -19.15 5.36 1.30
N LEU D 174 -18.02 6.00 1.61
CA LEU D 174 -16.95 6.13 0.62
C LEU D 174 -15.69 5.30 0.93
N TYR D 175 -15.13 4.74 -0.13
CA TYR D 175 -13.91 3.93 -0.05
C TYR D 175 -12.95 4.50 -1.07
N GLY D 176 -11.70 4.74 -0.66
CA GLY D 176 -10.76 5.32 -1.60
C GLY D 176 -9.39 4.68 -1.59
N ALA D 177 -8.62 4.96 -2.64
CA ALA D 177 -7.28 4.41 -2.72
C ALA D 177 -6.34 5.21 -3.59
N SER D 178 -5.15 5.48 -3.04
CA SER D 178 -4.10 6.16 -3.77
C SER D 178 -3.19 5.05 -4.26
N ASP D 179 -2.36 5.34 -5.24
CA ASP D 179 -1.49 4.35 -5.86
C ASP D 179 -0.18 4.08 -5.12
N PRO D 180 0.19 2.80 -4.94
CA PRO D 180 1.45 2.53 -4.24
C PRO D 180 2.64 3.02 -5.07
N ARG D 181 2.43 3.17 -6.38
CA ARG D 181 3.48 3.59 -7.30
C ARG D 181 3.92 5.04 -7.13
N SER D 182 3.05 5.87 -6.57
CA SER D 182 3.37 7.28 -6.37
C SER D 182 3.49 7.66 -4.90
N VAL D 183 4.65 8.14 -4.47
CA VAL D 183 4.83 8.52 -3.08
C VAL D 183 4.30 9.93 -2.82
N ASP D 184 4.01 10.21 -1.57
CA ASP D 184 3.52 11.52 -1.12
C ASP D 184 2.12 11.89 -1.58
N ASP D 185 1.36 10.92 -2.06
CA ASP D 185 0.00 11.17 -2.48
C ASP D 185 -0.93 10.91 -1.30
N LEU D 186 -2.23 11.10 -1.50
CA LEU D 186 -3.16 10.88 -0.41
C LEU D 186 -4.63 10.85 -0.80
N THR D 187 -5.36 9.95 -0.16
CA THR D 187 -6.79 9.85 -0.34
C THR D 187 -7.27 10.06 1.09
N ALA D 188 -8.13 11.06 1.28
CA ALA D 188 -8.63 11.37 2.61
C ALA D 188 -10.05 11.90 2.51
N GLY D 189 -10.75 11.92 3.64
CA GLY D 189 -12.11 12.41 3.65
C GLY D 189 -12.58 12.75 5.05
N TYR D 190 -13.89 12.79 5.23
CA TYR D 190 -14.47 13.10 6.53
C TYR D 190 -15.91 12.56 6.58
#